data_3HI6
#
_entry.id   3HI6
#
_cell.length_a   133.780
_cell.length_b   133.780
_cell.length_c   161.050
_cell.angle_alpha   90.000
_cell.angle_beta   90.000
_cell.angle_gamma   120.000
#
_symmetry.space_group_name_H-M   'P 65'
#
loop_
_entity.id
_entity.type
_entity.pdbx_description
1 polymer 'Integrin alpha-L'
2 polymer 'Heavy chain of Fab fragment of AL-57 against alpha L I domain'
3 polymer 'light chain of Fab fragment of AL-57 against alpha L I domain'
4 non-polymer 'MANGANESE (II) ION'
5 non-polymer 'SULFATE ION'
6 water water
#
loop_
_entity_poly.entity_id
_entity_poly.type
_entity_poly.pdbx_seq_one_letter_code
_entity_poly.pdbx_strand_id
1 'polypeptide(L)'
;GNVDLVFLFDGSMSLQPDEFQKILDFMKDVMKKCSNTSYQFAAVQFSTSYKTEFDFSDYVKWKDPDALLKHVKHMLLLTN
TFGAINYVATEVFREELGARPDATKVLIIITDGEATDSGNIDAAKDIIRYIIGIGKHFQTKESQETLHKFASKPASEFVK
ILDTFEKLKDLCTELQKKIY
;
A,B
2 'polypeptide(L)'
;EVQLLESGGGLVQPGGSLRLSCAASGFTFSRYVMWWVRQAPGKGLEWVSYIWPSGGNTYYADSVKGRFTISRDNSKNTLY
LQMNSLRAEDTAVYYCASSYDFWSNAFDIWGQGTMVTVSSASTKGPSVFPLAPCSRSTSESTAALGCLVKDYFPEPVTVS
WNSGALTSGVHTFPAVLQSSGLYSLSSVVTVPSSSLGTKTYTCNVDHKPSNTKVDKRVES
;
H,X
3 'polypeptide(L)'
;QDIQMTQSPSSLSASVGDRVTITCRASQSIGSYLNWYQQKTGKAPKALIYAASSLQSGVPSRFSGSGSGTDFTLTISSLQ
LEDFATYYCQQSYSTPSFGQGTKVEIKRTVAAPSVFIFPPSDEQLKSGTASVVCLLNNFYPREAKVQWKVDNALQSGNSQ
ESVTEQDSKDSTYSLSSTLTLSKADYEKHKVYACEVTHQGLSSPVTKSFNRG
;
L,Y
#
loop_
_chem_comp.id
_chem_comp.type
_chem_comp.name
_chem_comp.formula
MN non-polymer 'MANGANESE (II) ION' 'Mn 2'
SO4 non-polymer 'SULFATE ION' 'O4 S -2'
#
# COMPACT_ATOMS: atom_id res chain seq x y z
N GLY A 1 42.64 36.06 24.32
CA GLY A 1 41.32 36.41 23.73
C GLY A 1 40.12 35.85 24.50
N ASN A 2 39.12 36.68 24.75
CA ASN A 2 37.88 36.24 25.37
C ASN A 2 37.10 35.32 24.45
N VAL A 3 36.50 34.29 25.04
CA VAL A 3 35.67 33.35 24.30
C VAL A 3 34.34 33.19 25.02
N ASP A 4 33.26 33.40 24.27
CA ASP A 4 31.91 33.05 24.71
C ASP A 4 31.57 31.76 24.04
N LEU A 5 31.46 30.70 24.84
CA LEU A 5 31.28 29.36 24.32
C LEU A 5 29.92 28.76 24.71
N VAL A 6 29.23 28.19 23.73
CA VAL A 6 27.96 27.51 24.00
C VAL A 6 28.11 26.01 23.72
N PHE A 7 27.66 25.19 24.69
CA PHE A 7 27.47 23.77 24.44
C PHE A 7 26.07 23.58 23.93
N LEU A 8 25.96 23.03 22.73
CA LEU A 8 24.67 22.65 22.18
C LEU A 8 24.63 21.12 22.16
N PHE A 9 23.89 20.54 23.10
CA PHE A 9 23.98 19.10 23.35
C PHE A 9 22.69 18.33 23.12
N ASP A 10 22.86 17.17 22.46
CA ASP A 10 21.78 16.33 21.94
C ASP A 10 21.01 15.56 23.04
N GLY A 11 19.76 15.94 23.26
CA GLY A 11 18.91 15.23 24.21
C GLY A 11 17.92 14.26 23.59
N SER A 12 18.12 13.92 22.32
CA SER A 12 17.17 13.05 21.61
C SER A 12 17.28 11.60 22.08
N MET A 13 16.26 10.80 21.75
CA MET A 13 16.20 9.44 22.25
C MET A 13 17.22 8.51 21.60
N SER A 14 17.72 8.88 20.41
CA SER A 14 18.69 8.05 19.66
C SER A 14 19.97 7.72 20.42
N LEU A 15 20.38 8.63 21.30
CA LEU A 15 21.55 8.40 22.13
C LEU A 15 21.24 7.31 23.16
N GLN A 16 22.21 6.43 23.37
CA GLN A 16 22.13 5.52 24.49
C GLN A 16 22.19 6.29 25.82
N PRO A 17 21.54 5.75 26.86
CA PRO A 17 21.51 6.46 28.13
C PRO A 17 22.90 6.88 28.60
N ASP A 18 23.88 5.99 28.56
CA ASP A 18 25.20 6.35 29.11
C ASP A 18 25.98 7.33 28.23
N GLU A 19 25.60 7.43 26.95
CA GLU A 19 26.19 8.45 26.05
C GLU A 19 25.80 9.86 26.51
N PHE A 20 24.52 10.05 26.79
CA PHE A 20 24.05 11.32 27.29
C PHE A 20 24.72 11.72 28.62
N GLN A 21 24.92 10.77 29.53
CA GLN A 21 25.67 11.06 30.77
C GLN A 21 27.13 11.43 30.48
N LYS A 22 27.71 10.76 29.49
CA LYS A 22 29.04 11.09 28.97
C LYS A 22 29.11 12.58 28.52
N ILE A 23 28.05 13.05 27.86
CA ILE A 23 27.98 14.42 27.38
C ILE A 23 27.94 15.40 28.54
N LEU A 24 27.11 15.10 29.54
CA LEU A 24 27.05 15.92 30.74
C LEU A 24 28.43 16.04 31.39
N ASP A 25 29.07 14.89 31.61
CA ASP A 25 30.39 14.84 32.23
C ASP A 25 31.44 15.60 31.41
N PHE A 26 31.32 15.56 30.09
CA PHE A 26 32.25 16.26 29.22
C PHE A 26 32.16 17.79 29.37
N MET A 27 30.93 18.33 29.39
CA MET A 27 30.71 19.77 29.53
C MET A 27 31.24 20.26 30.88
N LYS A 28 31.00 19.50 31.93
CA LYS A 28 31.56 19.78 33.25
C LYS A 28 33.08 19.77 33.26
N ASP A 29 33.69 18.76 32.63
CA ASP A 29 35.17 18.66 32.59
C ASP A 29 35.79 19.86 31.87
N VAL A 30 35.25 20.20 30.70
CA VAL A 30 35.72 21.33 29.91
C VAL A 30 35.67 22.61 30.75
N MET A 31 34.51 22.88 31.36
CA MET A 31 34.31 24.05 32.21
C MET A 31 35.26 24.09 33.42
N LYS A 32 35.44 22.94 34.05
CA LYS A 32 36.33 22.81 35.21
C LYS A 32 37.77 23.11 34.81
N LYS A 33 38.11 22.70 33.58
CA LYS A 33 39.45 22.83 33.04
C LYS A 33 39.72 24.22 32.48
N CYS A 34 38.74 24.78 31.77
CA CYS A 34 38.87 26.15 31.23
C CYS A 34 38.18 27.15 32.15
N SER A 35 38.54 27.14 33.42
CA SER A 35 37.95 28.05 34.43
C SER A 35 38.55 29.46 34.37
N ASN A 36 39.39 29.71 33.37
CA ASN A 36 40.08 30.99 33.19
C ASN A 36 39.11 32.11 32.74
N THR A 37 39.26 33.28 33.36
CA THR A 37 38.40 34.46 33.17
C THR A 37 38.07 34.86 31.73
N SER A 38 38.94 34.54 30.78
CA SER A 38 38.68 34.76 29.37
C SER A 38 37.45 34.00 28.85
N TYR A 39 37.14 32.88 29.50
CA TYR A 39 36.09 31.98 29.07
C TYR A 39 34.78 32.20 29.82
N GLN A 40 33.70 32.32 29.06
CA GLN A 40 32.32 32.26 29.58
C GLN A 40 31.55 31.14 28.86
N PHE A 41 30.65 30.48 29.58
CA PHE A 41 29.93 29.35 29.03
C PHE A 41 28.41 29.50 29.12
N ALA A 42 27.73 28.88 28.16
CA ALA A 42 26.29 28.65 28.22
C ALA A 42 26.03 27.24 27.67
N ALA A 43 24.87 26.69 27.99
CA ALA A 43 24.50 25.35 27.57
C ALA A 43 23.05 25.31 27.14
N VAL A 44 22.83 24.70 25.97
CA VAL A 44 21.49 24.51 25.42
C VAL A 44 21.27 23.02 25.11
N GLN A 45 20.22 22.43 25.68
CA GLN A 45 19.80 21.07 25.31
C GLN A 45 18.84 21.19 24.15
N PHE A 46 19.03 20.34 23.14
CA PHE A 46 18.12 20.28 21.99
C PHE A 46 17.63 18.86 21.76
N SER A 47 16.35 18.76 21.39
CA SER A 47 15.77 17.54 20.86
C SER A 47 14.78 17.96 19.74
N THR A 48 13.48 17.77 19.97
CA THR A 48 12.45 18.36 19.11
C THR A 48 12.49 19.87 19.27
N SER A 49 12.66 20.28 20.52
CA SER A 49 12.69 21.68 20.92
C SER A 49 14.01 22.01 21.62
N TYR A 50 14.15 23.24 22.09
CA TYR A 50 15.42 23.74 22.60
C TYR A 50 15.22 24.39 23.96
N LYS A 51 16.17 24.17 24.86
CA LYS A 51 16.12 24.78 26.20
C LYS A 51 17.50 25.26 26.61
N THR A 52 17.60 26.54 26.96
CA THR A 52 18.81 27.04 27.58
C THR A 52 18.80 26.50 29.02
N GLU A 53 19.78 25.66 29.33
CA GLU A 53 19.90 25.13 30.67
C GLU A 53 20.55 26.15 31.60
N PHE A 54 21.52 26.90 31.07
CA PHE A 54 22.07 28.06 31.75
C PHE A 54 22.68 29.04 30.73
N ASP A 55 22.45 30.33 31.00
CA ASP A 55 22.99 31.43 30.20
C ASP A 55 24.37 31.83 30.68
N PHE A 56 25.01 32.73 29.94
CA PHE A 56 26.32 33.25 30.30
C PHE A 56 26.28 33.92 31.67
N SER A 57 25.20 34.65 31.94
CA SER A 57 25.02 35.34 33.21
C SER A 57 24.89 34.36 34.38
N ASP A 58 24.24 33.22 34.13
CA ASP A 58 24.19 32.13 35.11
C ASP A 58 25.59 31.61 35.43
N TYR A 59 26.41 31.43 34.40
CA TYR A 59 27.78 30.94 34.58
C TYR A 59 28.64 31.90 35.39
N VAL A 60 28.55 33.19 35.09
CA VAL A 60 29.32 34.21 35.82
C VAL A 60 28.94 34.22 37.31
N LYS A 61 27.64 34.11 37.58
CA LYS A 61 27.15 34.15 38.97
C LYS A 61 27.56 32.91 39.74
N TRP A 62 27.43 31.72 39.13
CA TRP A 62 27.67 30.47 39.85
C TRP A 62 29.10 29.93 39.72
N LYS A 63 29.66 29.95 38.52
CA LYS A 63 30.98 29.36 38.24
C LYS A 63 31.13 27.96 38.84
N ASP A 64 30.11 27.12 38.63
CA ASP A 64 30.02 25.79 39.24
C ASP A 64 29.23 24.87 38.29
N PRO A 65 29.94 24.00 37.58
CA PRO A 65 29.31 23.14 36.57
C PRO A 65 28.24 22.17 37.09
N ASP A 66 28.41 21.65 38.30
CA ASP A 66 27.43 20.74 38.89
C ASP A 66 26.08 21.43 39.16
N ALA A 67 26.13 22.62 39.74
CA ALA A 67 24.94 23.41 40.01
C ALA A 67 24.30 23.84 38.69
N LEU A 68 25.12 24.29 37.75
CA LEU A 68 24.65 24.75 36.45
C LEU A 68 23.87 23.70 35.64
N LEU A 69 24.28 22.45 35.75
CA LEU A 69 23.63 21.37 35.03
C LEU A 69 22.74 20.47 35.90
N LYS A 70 22.55 20.85 37.16
CA LYS A 70 21.81 20.02 38.11
C LYS A 70 20.39 19.64 37.67
N HIS A 71 19.68 20.60 37.08
CA HIS A 71 18.25 20.44 36.82
C HIS A 71 17.93 20.14 35.36
N VAL A 72 18.89 19.58 34.63
CA VAL A 72 18.67 19.16 33.25
C VAL A 72 17.75 17.94 33.21
N LYS A 73 16.65 18.06 32.45
CA LYS A 73 15.75 16.92 32.22
C LYS A 73 15.97 16.42 30.78
N HIS A 74 16.34 15.14 30.68
CA HIS A 74 16.62 14.51 29.39
C HIS A 74 15.35 14.51 28.53
N MET A 75 15.36 15.21 27.39
CA MET A 75 14.16 15.40 26.58
C MET A 75 13.66 14.12 25.90
N LEU A 76 14.56 13.38 25.26
CA LEU A 76 14.28 12.05 24.70
C LEU A 76 13.34 12.03 23.50
N LEU A 77 13.32 13.09 22.71
CA LEU A 77 12.44 13.17 21.56
C LEU A 77 13.27 13.17 20.26
N LEU A 78 12.97 14.06 19.31
CA LEU A 78 13.63 14.05 17.98
C LEU A 78 14.93 14.88 17.97
N THR A 79 15.48 15.17 16.80
CA THR A 79 16.84 15.73 16.71
C THR A 79 16.87 16.94 15.74
N ASN A 80 16.23 18.04 16.13
CA ASN A 80 16.06 19.18 15.24
C ASN A 80 17.24 20.16 15.36
N THR A 81 18.39 19.68 14.92
CA THR A 81 19.66 20.36 15.11
C THR A 81 19.77 21.67 14.34
N PHE A 82 19.15 21.76 13.16
CA PHE A 82 19.19 22.99 12.36
C PHE A 82 18.49 24.13 13.10
N GLY A 83 17.28 23.88 13.57
CA GLY A 83 16.57 24.87 14.40
C GLY A 83 17.34 25.23 15.67
N ALA A 84 18.01 24.23 16.26
CA ALA A 84 18.80 24.42 17.48
C ALA A 84 20.00 25.35 17.29
N ILE A 85 20.72 25.17 16.19
CA ILE A 85 21.88 26.01 15.88
C ILE A 85 21.43 27.46 15.65
N ASN A 86 20.27 27.65 15.01
CA ASN A 86 19.71 29.01 14.85
C ASN A 86 19.21 29.58 16.17
N TYR A 87 18.60 28.74 16.99
CA TYR A 87 18.16 29.16 18.32
C TYR A 87 19.33 29.72 19.10
N VAL A 88 20.44 28.99 19.08
CA VAL A 88 21.64 29.46 19.75
C VAL A 88 22.11 30.82 19.22
N ALA A 89 22.20 30.95 17.91
CA ALA A 89 22.71 32.17 17.29
C ALA A 89 21.87 33.40 17.62
N THR A 90 20.54 33.25 17.71
CA THR A 90 19.68 34.40 17.97
C THR A 90 19.25 34.53 19.44
N GLU A 91 19.22 33.42 20.20
CA GLU A 91 18.65 33.47 21.55
C GLU A 91 19.67 33.37 22.67
N VAL A 92 20.87 32.92 22.38
CA VAL A 92 21.82 32.65 23.45
C VAL A 92 22.94 33.67 23.45
N PHE A 93 23.48 33.94 22.27
CA PHE A 93 24.48 34.98 22.10
C PHE A 93 23.85 36.37 22.12
N ARG A 94 23.26 36.73 23.26
CA ARG A 94 22.67 38.05 23.44
C ARG A 94 23.27 38.71 24.68
N GLU A 95 23.54 40.00 24.56
CA GLU A 95 24.23 40.74 25.59
C GLU A 95 23.38 40.87 26.87
N GLU A 96 22.06 40.79 26.71
CA GLU A 96 21.12 40.84 27.83
C GLU A 96 21.20 39.62 28.73
N LEU A 97 21.66 38.51 28.15
CA LEU A 97 21.86 37.25 28.86
C LEU A 97 23.34 37.00 29.16
N GLY A 98 24.18 38.04 29.01
CA GLY A 98 25.58 37.99 29.43
C GLY A 98 26.64 37.84 28.34
N ALA A 99 26.23 37.63 27.09
CA ALA A 99 27.17 37.60 25.96
C ALA A 99 28.01 38.88 25.89
N ARG A 100 29.31 38.71 25.61
CA ARG A 100 30.23 39.85 25.50
C ARG A 100 30.51 40.18 24.03
N PRO A 101 30.39 41.45 23.64
CA PRO A 101 30.74 41.81 22.27
C PRO A 101 32.25 41.73 22.00
N ASP A 102 33.05 41.95 23.04
CA ASP A 102 34.50 41.78 22.98
C ASP A 102 34.92 40.33 23.23
N ALA A 103 34.38 39.40 22.46
CA ALA A 103 34.65 37.95 22.68
C ALA A 103 34.47 37.16 21.40
N THR A 104 35.26 36.10 21.24
CA THR A 104 35.07 35.21 20.09
C THR A 104 33.93 34.25 20.39
N LYS A 105 32.96 34.15 19.48
CA LYS A 105 31.82 33.26 19.65
C LYS A 105 32.13 31.83 19.21
N VAL A 106 32.01 30.88 20.14
CA VAL A 106 32.27 29.47 19.84
C VAL A 106 31.08 28.58 20.21
N LEU A 107 30.76 27.66 19.31
CA LEU A 107 29.70 26.69 19.49
C LEU A 107 30.34 25.29 19.46
N ILE A 108 30.07 24.51 20.50
CA ILE A 108 30.42 23.10 20.54
C ILE A 108 29.14 22.30 20.41
N ILE A 109 28.93 21.70 19.23
CA ILE A 109 27.74 20.91 18.96
C ILE A 109 28.05 19.46 19.22
N ILE A 110 27.35 18.89 20.20
CA ILE A 110 27.57 17.53 20.65
C ILE A 110 26.37 16.67 20.22
N THR A 111 26.61 15.71 19.30
CA THR A 111 25.53 14.97 18.66
C THR A 111 26.03 13.63 18.13
N ASP A 112 25.09 12.79 17.68
CA ASP A 112 25.39 11.40 17.38
C ASP A 112 25.21 11.02 15.91
N GLY A 113 24.97 11.99 15.06
CA GLY A 113 24.69 11.77 13.64
C GLY A 113 23.84 12.89 13.07
N GLU A 114 23.01 12.57 12.07
CA GLU A 114 22.29 13.59 11.30
C GLU A 114 21.04 14.11 12.02
N ALA A 115 20.43 15.14 11.44
CA ALA A 115 19.32 15.86 12.06
C ALA A 115 18.02 15.34 11.49
N THR A 116 16.98 15.47 12.29
CA THR A 116 15.63 15.22 11.83
C THR A 116 15.11 16.33 10.92
N ASP A 117 15.60 17.55 11.13
CA ASP A 117 15.13 18.71 10.38
C ASP A 117 16.12 19.10 9.30
N SER A 118 15.82 20.18 8.59
CA SER A 118 16.72 20.76 7.60
C SER A 118 16.58 22.28 7.63
N GLY A 119 17.39 22.96 6.84
CA GLY A 119 17.32 24.41 6.68
C GLY A 119 18.68 25.03 6.43
N ASN A 120 18.79 26.33 6.61
CA ASN A 120 20.08 27.00 6.61
C ASN A 120 20.44 27.39 8.03
N ILE A 121 21.73 27.61 8.26
CA ILE A 121 22.19 28.10 9.54
C ILE A 121 22.97 29.38 9.33
N ASP A 122 22.50 30.21 8.41
CA ASP A 122 23.15 31.49 8.11
C ASP A 122 23.25 32.37 9.35
N ALA A 123 22.27 32.27 10.25
CA ALA A 123 22.31 33.02 11.51
C ALA A 123 23.58 32.74 12.30
N ALA A 124 24.13 31.54 12.13
CA ALA A 124 25.31 31.10 12.88
C ALA A 124 26.64 31.30 12.15
N LYS A 125 26.59 31.98 11.00
CA LYS A 125 27.74 32.19 10.14
C LYS A 125 28.99 32.64 10.89
N ASP A 126 28.83 33.62 11.78
CA ASP A 126 29.97 34.27 12.42
C ASP A 126 30.38 33.62 13.76
N ILE A 127 29.78 32.47 14.05
CA ILE A 127 30.16 31.66 15.19
C ILE A 127 31.11 30.58 14.70
N ILE A 128 32.15 30.28 15.46
CA ILE A 128 33.07 29.19 15.14
C ILE A 128 32.43 27.90 15.64
N ARG A 129 32.30 26.90 14.77
CA ARG A 129 31.48 25.71 15.08
C ARG A 129 32.25 24.39 15.00
N TYR A 130 32.38 23.75 16.15
CA TYR A 130 32.99 22.43 16.27
C TYR A 130 31.89 21.42 16.42
N ILE A 131 32.03 20.29 15.73
CA ILE A 131 31.12 19.17 15.93
C ILE A 131 31.86 18.07 16.68
N ILE A 132 31.35 17.73 17.87
CA ILE A 132 31.97 16.72 18.72
C ILE A 132 31.04 15.50 18.75
N GLY A 133 31.49 14.41 18.15
CA GLY A 133 30.68 13.24 17.95
C GLY A 133 30.71 12.23 19.09
N ILE A 134 29.57 11.57 19.31
CA ILE A 134 29.52 10.41 20.20
C ILE A 134 28.72 9.29 19.53
N GLY A 135 29.00 8.05 19.91
CA GLY A 135 28.22 6.92 19.42
C GLY A 135 28.75 6.39 18.10
N LYS A 136 28.09 5.35 17.60
CA LYS A 136 28.60 4.55 16.52
C LYS A 136 27.99 4.88 15.14
N HIS A 137 27.05 5.83 15.10
CA HIS A 137 26.43 6.26 13.84
C HIS A 137 26.84 7.68 13.50
N PHE A 138 27.90 8.17 14.13
CA PHE A 138 28.23 9.59 14.04
C PHE A 138 28.78 9.97 12.65
N GLN A 139 29.75 9.21 12.16
CA GLN A 139 30.34 9.46 10.84
C GLN A 139 30.00 8.34 9.88
N THR A 140 28.93 8.55 9.11
CA THR A 140 28.46 7.60 8.14
C THR A 140 28.15 8.32 6.84
N LYS A 141 27.85 7.53 5.82
CA LYS A 141 27.31 8.00 4.55
C LYS A 141 26.17 8.98 4.75
N GLU A 142 25.26 8.64 5.65
CA GLU A 142 24.04 9.42 5.90
C GLU A 142 24.27 10.73 6.62
N SER A 143 25.30 10.81 7.44
CA SER A 143 25.56 12.00 8.25
C SER A 143 26.55 12.97 7.63
N GLN A 144 27.27 12.53 6.61
CA GLN A 144 28.42 13.29 6.11
C GLN A 144 28.11 14.71 5.62
N GLU A 145 27.04 14.87 4.84
CA GLU A 145 26.69 16.18 4.28
C GLU A 145 26.15 17.14 5.33
N THR A 146 25.43 16.62 6.31
CA THR A 146 24.89 17.43 7.39
C THR A 146 25.99 17.97 8.30
N LEU A 147 26.91 17.10 8.68
CA LEU A 147 28.03 17.51 9.55
C LEU A 147 28.96 18.49 8.85
N HIS A 148 29.13 18.31 7.54
CA HIS A 148 29.92 19.24 6.74
C HIS A 148 29.26 20.62 6.71
N LYS A 149 27.94 20.61 6.57
CA LYS A 149 27.13 21.83 6.66
C LYS A 149 27.26 22.53 8.02
N PHE A 150 27.21 21.75 9.10
CA PHE A 150 27.30 22.30 10.45
C PHE A 150 28.68 22.86 10.83
N ALA A 151 29.75 22.22 10.37
CA ALA A 151 31.09 22.55 10.85
C ALA A 151 31.61 23.80 10.20
N SER A 152 32.49 24.49 10.93
CA SER A 152 33.27 25.55 10.34
C SER A 152 34.19 24.90 9.33
N LYS A 153 34.67 25.69 8.37
CA LYS A 153 35.44 25.16 7.25
C LYS A 153 36.92 25.52 7.37
N PRO A 154 37.81 24.62 6.91
CA PRO A 154 37.52 23.28 6.40
C PRO A 154 37.03 22.34 7.50
N ALA A 155 36.00 21.55 7.18
CA ALA A 155 35.33 20.70 8.18
C ALA A 155 36.28 19.69 8.82
N SER A 156 37.28 19.23 8.06
CA SER A 156 38.32 18.34 8.59
C SER A 156 39.02 18.83 9.88
N GLU A 157 38.98 20.15 10.13
CA GLU A 157 39.60 20.74 11.32
C GLU A 157 38.64 21.00 12.47
N PHE A 158 37.34 20.83 12.22
CA PHE A 158 36.34 21.16 13.22
C PHE A 158 35.45 20.00 13.63
N VAL A 159 35.48 18.91 12.88
CA VAL A 159 34.81 17.68 13.27
C VAL A 159 35.72 16.81 14.14
N LYS A 160 35.24 16.51 15.34
CA LYS A 160 36.00 15.77 16.34
C LYS A 160 35.16 14.67 16.98
N ILE A 161 35.85 13.75 17.68
CA ILE A 161 35.28 12.61 18.37
C ILE A 161 35.46 12.80 19.88
N LEU A 162 34.35 12.82 20.61
CA LEU A 162 34.35 13.20 22.03
C LEU A 162 35.32 12.35 22.88
N ASP A 163 35.33 11.04 22.63
CA ASP A 163 36.23 10.15 23.36
C ASP A 163 37.72 10.52 23.20
N THR A 164 38.10 10.94 22.00
CA THR A 164 39.42 11.46 21.73
C THR A 164 39.59 12.86 22.33
N PHE A 165 38.65 13.74 22.01
CA PHE A 165 38.74 15.15 22.34
C PHE A 165 38.78 15.43 23.86
N GLU A 166 38.06 14.63 24.64
CA GLU A 166 37.99 14.83 26.10
C GLU A 166 39.30 14.56 26.83
N LYS A 167 40.24 13.88 26.18
CA LYS A 167 41.54 13.55 26.78
C LYS A 167 42.63 14.61 26.57
N LEU A 168 42.32 15.65 25.78
CA LEU A 168 43.32 16.69 25.49
C LEU A 168 43.43 17.71 26.61
N LYS A 169 44.61 17.83 27.20
CA LYS A 169 44.84 18.88 28.20
C LYS A 169 44.94 20.27 27.55
N ASP A 170 45.33 20.28 26.27
CA ASP A 170 45.43 21.53 25.47
C ASP A 170 44.08 21.96 24.87
N LEU A 171 42.98 21.44 25.43
CA LEU A 171 41.61 21.72 24.99
C LEU A 171 41.25 23.22 25.04
N CYS A 172 41.58 23.88 26.15
CA CYS A 172 41.28 25.30 26.31
C CYS A 172 42.08 26.16 25.35
N THR A 173 43.29 25.73 25.01
CA THR A 173 44.12 26.44 24.04
C THR A 173 43.51 26.42 22.64
N GLU A 174 43.04 25.25 22.19
CA GLU A 174 42.55 25.09 20.82
C GLU A 174 41.26 25.85 20.57
N LEU A 175 40.33 25.77 21.53
CA LEU A 175 39.02 26.40 21.38
C LEU A 175 39.10 27.93 21.31
N GLN A 176 40.16 28.50 21.90
CA GLN A 176 40.45 29.93 21.78
C GLN A 176 40.83 30.36 20.36
N LYS A 177 41.45 29.46 19.58
CA LYS A 177 42.00 29.84 18.27
C LYS A 177 40.99 30.66 17.48
N LYS A 178 41.43 31.80 16.97
CA LYS A 178 40.57 32.70 16.19
C LYS A 178 40.98 32.77 14.72
N ILE A 179 42.15 32.24 14.37
CA ILE A 179 42.56 32.14 12.96
C ILE A 179 42.52 30.69 12.45
N TYR A 180 42.07 30.52 11.21
CA TYR A 180 41.89 29.20 10.60
C TYR A 180 41.41 29.36 9.15
N GLY B 1 48.14 -6.30 -37.48
CA GLY B 1 47.67 -6.72 -36.13
C GLY B 1 46.20 -7.09 -36.09
N ASN B 2 45.92 -8.37 -35.87
CA ASN B 2 44.55 -8.88 -35.88
C ASN B 2 43.69 -8.38 -34.73
N VAL B 3 42.43 -8.08 -35.04
CA VAL B 3 41.44 -7.71 -34.03
C VAL B 3 40.10 -8.37 -34.34
N ASP B 4 39.58 -9.12 -33.37
CA ASP B 4 38.19 -9.60 -33.38
C ASP B 4 37.38 -8.61 -32.54
N LEU B 5 36.46 -7.92 -33.20
CA LEU B 5 35.68 -6.88 -32.56
C LEU B 5 34.19 -7.21 -32.54
N VAL B 6 33.60 -7.13 -31.35
CA VAL B 6 32.17 -7.32 -31.19
C VAL B 6 31.48 -5.98 -30.90
N PHE B 7 30.47 -5.65 -31.71
CA PHE B 7 29.57 -4.55 -31.39
C PHE B 7 28.46 -5.12 -30.52
N LEU B 8 28.35 -4.64 -29.29
CA LEU B 8 27.23 -4.95 -28.41
C LEU B 8 26.35 -3.69 -28.31
N PHE B 9 25.23 -3.72 -29.03
CA PHE B 9 24.42 -2.51 -29.23
C PHE B 9 23.02 -2.59 -28.64
N ASP B 10 22.62 -1.46 -28.06
CA ASP B 10 21.47 -1.35 -27.17
C ASP B 10 20.18 -1.21 -27.94
N GLY B 11 19.35 -2.25 -27.90
CA GLY B 11 18.06 -2.26 -28.61
C GLY B 11 16.86 -1.91 -27.77
N SER B 12 17.09 -1.41 -26.57
CA SER B 12 16.01 -1.12 -25.62
C SER B 12 15.23 0.14 -26.00
N MET B 13 14.02 0.28 -25.44
CA MET B 13 13.12 1.37 -25.84
C MET B 13 13.51 2.76 -25.29
N SER B 14 14.45 2.82 -24.34
CA SER B 14 14.93 4.12 -23.83
C SER B 14 15.59 4.96 -24.92
N LEU B 15 16.23 4.32 -25.89
CA LEU B 15 16.77 5.06 -27.03
C LEU B 15 15.65 5.65 -27.89
N GLN B 16 15.91 6.85 -28.38
CA GLN B 16 15.02 7.48 -29.36
C GLN B 16 15.28 6.82 -30.71
N PRO B 17 14.23 6.70 -31.53
CA PRO B 17 14.39 6.03 -32.81
C PRO B 17 15.64 6.48 -33.61
N ASP B 18 15.84 7.78 -33.76
CA ASP B 18 17.03 8.30 -34.46
C ASP B 18 18.36 7.90 -33.81
N GLU B 19 18.38 7.79 -32.49
CA GLU B 19 19.57 7.37 -31.77
C GLU B 19 19.93 5.94 -32.13
N PHE B 20 18.92 5.06 -32.18
CA PHE B 20 19.15 3.66 -32.60
C PHE B 20 19.59 3.53 -34.06
N GLN B 21 19.03 4.36 -34.93
CA GLN B 21 19.50 4.43 -36.32
C GLN B 21 20.98 4.90 -36.42
N LYS B 22 21.36 5.88 -35.61
CA LYS B 22 22.76 6.30 -35.55
C LYS B 22 23.71 5.17 -35.13
N ILE B 23 23.27 4.33 -34.19
CA ILE B 23 24.04 3.16 -33.75
C ILE B 23 24.25 2.19 -34.91
N LEU B 24 23.17 1.86 -35.62
CA LEU B 24 23.25 1.03 -36.83
C LEU B 24 24.23 1.61 -37.83
N ASP B 25 24.08 2.91 -38.10
CA ASP B 25 24.96 3.59 -39.05
C ASP B 25 26.42 3.63 -38.59
N PHE B 26 26.62 3.81 -37.29
CA PHE B 26 27.96 3.82 -36.72
C PHE B 26 28.66 2.48 -36.93
N MET B 27 27.96 1.39 -36.64
CA MET B 27 28.54 0.06 -36.78
C MET B 27 28.95 -0.21 -38.21
N LYS B 28 28.06 0.15 -39.13
CA LYS B 28 28.32 -0.04 -40.57
C LYS B 28 29.47 0.83 -41.06
N ASP B 29 29.53 2.07 -40.58
CA ASP B 29 30.65 2.96 -40.92
C ASP B 29 32.02 2.43 -40.46
N VAL B 30 32.06 1.90 -39.25
CA VAL B 30 33.31 1.39 -38.69
C VAL B 30 33.77 0.17 -39.50
N MET B 31 32.84 -0.74 -39.79
CA MET B 31 33.14 -1.93 -40.62
C MET B 31 33.58 -1.55 -42.01
N LYS B 32 32.95 -0.53 -42.59
CA LYS B 32 33.36 -0.04 -43.91
C LYS B 32 34.74 0.63 -43.84
N LYS B 33 34.97 1.43 -42.81
CA LYS B 33 36.25 2.12 -42.65
C LYS B 33 37.38 1.12 -42.35
N CYS B 34 37.16 0.30 -41.32
CA CYS B 34 38.15 -0.70 -40.90
C CYS B 34 37.90 -2.02 -41.62
N SER B 35 38.08 -2.01 -42.94
CA SER B 35 37.68 -3.13 -43.79
C SER B 35 38.80 -4.14 -44.08
N ASN B 36 40.05 -3.84 -43.72
CA ASN B 36 41.13 -4.77 -44.07
C ASN B 36 41.07 -6.11 -43.29
N THR B 37 41.72 -7.12 -43.84
CA THR B 37 41.63 -8.51 -43.37
C THR B 37 42.00 -8.69 -41.89
N SER B 38 42.82 -7.78 -41.35
CA SER B 38 43.19 -7.86 -39.94
C SER B 38 41.97 -7.74 -39.01
N TYR B 39 40.94 -7.02 -39.44
CA TYR B 39 39.69 -6.88 -38.66
C TYR B 39 38.65 -7.97 -39.00
N GLN B 40 38.03 -8.52 -37.97
CA GLN B 40 36.81 -9.31 -38.09
C GLN B 40 35.80 -8.75 -37.11
N PHE B 41 34.51 -8.83 -37.49
CA PHE B 41 33.45 -8.24 -36.70
C PHE B 41 32.34 -9.25 -36.40
N ALA B 42 31.72 -9.09 -35.24
CA ALA B 42 30.47 -9.72 -34.87
C ALA B 42 29.57 -8.63 -34.29
N ALA B 43 28.25 -8.82 -34.32
CA ALA B 43 27.32 -7.86 -33.71
C ALA B 43 26.24 -8.57 -32.93
N VAL B 44 26.01 -8.11 -31.70
CA VAL B 44 25.02 -8.66 -30.79
C VAL B 44 24.08 -7.54 -30.34
N GLN B 45 22.79 -7.68 -30.61
CA GLN B 45 21.80 -6.75 -30.05
C GLN B 45 21.41 -7.23 -28.63
N PHE B 46 21.30 -6.29 -27.69
CA PHE B 46 20.79 -6.60 -26.38
C PHE B 46 19.62 -5.68 -25.99
N SER B 47 18.70 -6.24 -25.23
CA SER B 47 17.69 -5.48 -24.55
C SER B 47 17.34 -6.29 -23.28
N THR B 48 16.16 -6.91 -23.21
CA THR B 48 15.88 -7.86 -22.15
C THR B 48 16.71 -9.12 -22.39
N SER B 49 16.82 -9.50 -23.65
CA SER B 49 17.59 -10.65 -24.10
C SER B 49 18.68 -10.22 -25.08
N TYR B 50 19.43 -11.22 -25.56
CA TYR B 50 20.60 -10.99 -26.38
C TYR B 50 20.46 -11.84 -27.63
N LYS B 51 20.75 -11.24 -28.78
CA LYS B 51 20.78 -11.99 -30.01
C LYS B 51 22.03 -11.61 -30.80
N THR B 52 22.77 -12.63 -31.22
CA THR B 52 23.84 -12.47 -32.18
C THR B 52 23.21 -12.24 -33.55
N GLU B 53 23.31 -11.00 -34.03
CA GLU B 53 22.75 -10.63 -35.32
C GLU B 53 23.63 -11.18 -36.45
N PHE B 54 24.95 -11.17 -36.23
CA PHE B 54 25.87 -11.94 -37.06
C PHE B 54 27.16 -12.24 -36.30
N ASP B 55 27.78 -13.39 -36.59
CA ASP B 55 29.06 -13.75 -35.95
C ASP B 55 30.24 -13.52 -36.88
N PHE B 56 31.45 -13.74 -36.38
CA PHE B 56 32.67 -13.56 -37.17
C PHE B 56 32.67 -14.32 -38.47
N SER B 57 32.11 -15.54 -38.48
CA SER B 57 32.14 -16.37 -39.69
C SER B 57 31.14 -15.85 -40.73
N ASP B 58 30.02 -15.30 -40.27
CA ASP B 58 29.07 -14.63 -41.16
C ASP B 58 29.77 -13.43 -41.79
N TYR B 59 30.47 -12.66 -40.97
CA TYR B 59 31.16 -11.45 -41.46
C TYR B 59 32.12 -11.80 -42.58
N VAL B 60 32.90 -12.86 -42.38
CA VAL B 60 33.91 -13.29 -43.35
C VAL B 60 33.28 -13.79 -44.66
N LYS B 61 32.19 -14.53 -44.56
CA LYS B 61 31.49 -15.07 -45.72
C LYS B 61 30.84 -13.96 -46.56
N TRP B 62 30.34 -12.91 -45.92
CA TRP B 62 29.65 -11.82 -46.64
C TRP B 62 30.47 -10.54 -46.78
N LYS B 63 30.95 -10.02 -45.66
CA LYS B 63 31.73 -8.78 -45.65
C LYS B 63 30.99 -7.65 -46.37
N ASP B 64 29.70 -7.53 -46.04
CA ASP B 64 28.84 -6.49 -46.56
C ASP B 64 28.06 -5.98 -45.35
N PRO B 65 28.53 -4.89 -44.72
CA PRO B 65 27.90 -4.43 -43.50
C PRO B 65 26.42 -4.12 -43.64
N ASP B 66 25.99 -3.64 -44.80
CA ASP B 66 24.58 -3.32 -45.05
C ASP B 66 23.72 -4.59 -45.07
N ALA B 67 24.21 -5.63 -45.73
CA ALA B 67 23.48 -6.90 -45.80
C ALA B 67 23.46 -7.63 -44.44
N LEU B 68 24.55 -7.53 -43.68
CA LEU B 68 24.69 -8.25 -42.41
C LEU B 68 23.73 -7.75 -41.33
N LEU B 69 23.40 -6.46 -41.41
CA LEU B 69 22.53 -5.83 -40.45
C LEU B 69 21.12 -5.62 -41.01
N LYS B 70 20.93 -5.92 -42.29
CA LYS B 70 19.64 -5.78 -42.96
C LYS B 70 18.43 -6.25 -42.16
N HIS B 71 18.55 -7.40 -41.51
CA HIS B 71 17.39 -8.06 -40.93
C HIS B 71 17.28 -7.92 -39.42
N VAL B 72 18.02 -6.98 -38.84
CA VAL B 72 17.96 -6.74 -37.41
C VAL B 72 16.56 -6.28 -37.03
N LYS B 73 15.98 -6.95 -36.04
CA LYS B 73 14.65 -6.60 -35.53
C LYS B 73 14.82 -5.85 -34.19
N HIS B 74 14.30 -4.63 -34.13
CA HIS B 74 14.50 -3.79 -32.97
C HIS B 74 13.72 -4.33 -31.76
N MET B 75 14.44 -4.66 -30.70
CA MET B 75 13.83 -5.36 -29.55
C MET B 75 12.90 -4.45 -28.77
N LEU B 76 13.40 -3.29 -28.34
CA LEU B 76 12.58 -2.23 -27.71
C LEU B 76 12.00 -2.63 -26.35
N LEU B 77 12.78 -3.40 -25.61
CA LEU B 77 12.39 -3.81 -24.27
C LEU B 77 13.38 -3.22 -23.23
N LEU B 78 13.83 -3.99 -22.25
CA LEU B 78 14.61 -3.44 -21.14
C LEU B 78 16.10 -3.36 -21.46
N THR B 79 16.96 -3.17 -20.44
CA THR B 79 18.41 -2.93 -20.67
C THR B 79 19.36 -3.78 -19.80
N ASN B 80 19.41 -5.07 -20.08
CA ASN B 80 20.18 -6.00 -19.28
C ASN B 80 21.63 -6.08 -19.73
N THR B 81 22.33 -4.97 -19.56
CA THR B 81 23.67 -4.81 -20.12
C THR B 81 24.68 -5.77 -19.48
N PHE B 82 24.57 -5.98 -18.17
CA PHE B 82 25.48 -6.90 -17.47
C PHE B 82 25.40 -8.31 -18.03
N GLY B 83 24.18 -8.82 -18.19
CA GLY B 83 23.99 -10.16 -18.75
C GLY B 83 24.47 -10.25 -20.18
N ALA B 84 24.29 -9.14 -20.90
CA ALA B 84 24.72 -9.02 -22.29
C ALA B 84 26.24 -9.12 -22.43
N ILE B 85 26.97 -8.41 -21.57
CA ILE B 85 28.43 -8.43 -21.62
C ILE B 85 28.95 -9.83 -21.34
N ASN B 86 28.35 -10.48 -20.34
CA ASN B 86 28.67 -11.85 -19.99
C ASN B 86 28.36 -12.83 -21.14
N TYR B 87 27.26 -12.57 -21.83
CA TYR B 87 26.89 -13.36 -23.00
C TYR B 87 27.95 -13.27 -24.06
N VAL B 88 28.46 -12.06 -24.32
CA VAL B 88 29.48 -11.89 -25.35
C VAL B 88 30.75 -12.64 -24.96
N ALA B 89 31.19 -12.38 -23.73
CA ALA B 89 32.41 -12.99 -23.18
C ALA B 89 32.42 -14.50 -23.27
N THR B 90 31.27 -15.14 -23.03
CA THR B 90 31.20 -16.61 -23.04
C THR B 90 30.63 -17.25 -24.31
N GLU B 91 29.78 -16.53 -25.06
CA GLU B 91 29.05 -17.14 -26.21
C GLU B 91 29.43 -16.63 -27.61
N VAL B 92 30.23 -15.58 -27.70
CA VAL B 92 30.52 -14.96 -29.00
C VAL B 92 31.99 -15.06 -29.43
N PHE B 93 32.91 -14.96 -28.46
CA PHE B 93 34.34 -15.04 -28.75
C PHE B 93 34.78 -16.51 -28.78
N ARG B 94 34.25 -17.24 -29.76
CA ARG B 94 34.45 -18.67 -29.90
C ARG B 94 35.14 -18.97 -31.22
N GLU B 95 36.11 -19.88 -31.19
CA GLU B 95 36.67 -20.41 -32.41
C GLU B 95 35.56 -21.07 -33.23
N GLU B 96 34.60 -21.68 -32.52
CA GLU B 96 33.41 -22.27 -33.12
C GLU B 96 32.73 -21.34 -34.12
N LEU B 97 32.53 -20.09 -33.71
CA LEU B 97 31.82 -19.10 -34.55
C LEU B 97 32.77 -18.15 -35.30
N GLY B 98 34.03 -18.54 -35.46
CA GLY B 98 34.97 -17.83 -36.32
C GLY B 98 35.97 -16.93 -35.62
N ALA B 99 36.05 -17.00 -34.29
CA ALA B 99 37.00 -16.15 -33.55
C ALA B 99 38.41 -16.64 -33.81
N ARG B 100 39.37 -15.73 -33.74
CA ARG B 100 40.76 -16.04 -34.04
C ARG B 100 41.56 -16.10 -32.75
N PRO B 101 42.29 -17.20 -32.53
CA PRO B 101 43.00 -17.33 -31.27
C PRO B 101 44.06 -16.26 -31.06
N ASP B 102 44.71 -15.82 -32.14
CA ASP B 102 45.79 -14.83 -32.04
C ASP B 102 45.28 -13.38 -31.95
N ALA B 103 43.99 -13.17 -32.19
CA ALA B 103 43.47 -11.81 -32.32
C ALA B 103 43.20 -11.18 -30.97
N THR B 104 43.44 -9.88 -30.90
CA THR B 104 43.05 -9.05 -29.77
C THR B 104 41.53 -9.00 -29.75
N LYS B 105 40.94 -9.29 -28.58
CA LYS B 105 39.51 -9.20 -28.37
C LYS B 105 39.10 -7.79 -27.95
N VAL B 106 38.21 -7.19 -28.74
CA VAL B 106 37.70 -5.84 -28.47
C VAL B 106 36.18 -5.82 -28.50
N LEU B 107 35.61 -5.17 -27.50
CA LEU B 107 34.17 -5.03 -27.37
C LEU B 107 33.81 -3.53 -27.42
N ILE B 108 32.91 -3.17 -28.33
CA ILE B 108 32.36 -1.83 -28.39
C ILE B 108 30.92 -1.91 -27.87
N ILE B 109 30.72 -1.44 -26.65
CA ILE B 109 29.41 -1.45 -26.04
C ILE B 109 28.78 -0.10 -26.31
N ILE B 110 27.69 -0.12 -27.07
CA ILE B 110 27.02 1.10 -27.48
C ILE B 110 25.67 1.18 -26.74
N THR B 111 25.51 2.22 -25.93
CA THR B 111 24.38 2.29 -25.02
C THR B 111 24.12 3.74 -24.60
N ASP B 112 23.06 3.96 -23.82
CA ASP B 112 22.58 5.31 -23.52
C ASP B 112 22.54 5.70 -22.04
N GLY B 113 23.16 4.89 -21.19
CA GLY B 113 23.05 5.07 -19.74
C GLY B 113 23.16 3.77 -18.98
N GLU B 114 22.57 3.73 -17.78
CA GLU B 114 22.75 2.60 -16.86
C GLU B 114 21.90 1.40 -17.24
N ALA B 115 22.19 0.26 -16.62
CA ALA B 115 21.51 -0.99 -16.91
C ALA B 115 20.32 -1.22 -16.00
N THR B 116 19.39 -2.04 -16.47
CA THR B 116 18.27 -2.52 -15.68
C THR B 116 18.76 -3.53 -14.65
N ASP B 117 19.71 -4.36 -15.04
CA ASP B 117 20.21 -5.44 -14.21
C ASP B 117 21.51 -5.03 -13.53
N SER B 118 22.13 -5.98 -12.85
CA SER B 118 23.38 -5.73 -12.14
C SER B 118 24.16 -7.04 -12.04
N GLY B 119 25.33 -6.97 -11.42
CA GLY B 119 26.11 -8.16 -11.14
C GLY B 119 27.59 -7.91 -11.31
N ASN B 120 28.23 -8.73 -12.14
CA ASN B 120 29.66 -8.57 -12.45
C ASN B 120 29.97 -9.03 -13.86
N ILE B 121 31.03 -8.46 -14.42
CA ILE B 121 31.50 -8.81 -15.74
C ILE B 121 32.94 -9.32 -15.67
N ASP B 122 33.23 -10.10 -14.63
CA ASP B 122 34.53 -10.73 -14.46
C ASP B 122 34.93 -11.53 -15.71
N ALA B 123 33.97 -12.21 -16.34
CA ALA B 123 34.27 -13.11 -17.47
C ALA B 123 34.78 -12.35 -18.68
N ALA B 124 34.46 -11.06 -18.76
CA ALA B 124 34.93 -10.18 -19.83
C ALA B 124 36.21 -9.40 -19.50
N LYS B 125 36.90 -9.71 -18.42
CA LYS B 125 38.04 -8.87 -18.04
C LYS B 125 39.24 -8.94 -18.98
N ASP B 126 39.40 -10.05 -19.71
CA ASP B 126 40.47 -10.16 -20.71
C ASP B 126 40.11 -9.49 -22.04
N ILE B 127 38.93 -8.90 -22.12
CA ILE B 127 38.47 -8.23 -23.33
C ILE B 127 38.67 -6.74 -23.17
N ILE B 128 39.10 -6.06 -24.24
CA ILE B 128 39.28 -4.60 -24.20
C ILE B 128 37.92 -3.99 -24.50
N ARG B 129 37.40 -3.23 -23.53
CA ARG B 129 36.02 -2.74 -23.58
C ARG B 129 35.97 -1.22 -23.69
N TYR B 130 35.38 -0.77 -24.80
CA TYR B 130 35.07 0.63 -25.04
C TYR B 130 33.57 0.84 -24.80
N ILE B 131 33.21 1.98 -24.21
CA ILE B 131 31.82 2.35 -24.06
C ILE B 131 31.54 3.57 -24.91
N ILE B 132 30.59 3.45 -25.83
CA ILE B 132 30.26 4.51 -26.77
C ILE B 132 28.86 4.99 -26.45
N GLY B 133 28.78 6.22 -25.94
CA GLY B 133 27.51 6.78 -25.48
C GLY B 133 26.73 7.52 -26.54
N ILE B 134 25.40 7.45 -26.41
CA ILE B 134 24.50 8.32 -27.15
C ILE B 134 23.33 8.65 -26.22
N GLY B 135 22.69 9.78 -26.45
CA GLY B 135 21.51 10.17 -25.67
C GLY B 135 21.80 11.24 -24.64
N LYS B 136 20.73 11.87 -24.16
CA LYS B 136 20.84 12.96 -23.20
C LYS B 136 21.03 12.45 -21.76
N HIS B 137 20.82 11.15 -21.53
CA HIS B 137 20.93 10.58 -20.18
C HIS B 137 22.20 9.73 -20.02
N PHE B 138 23.07 9.72 -21.02
CA PHE B 138 24.23 8.82 -21.02
C PHE B 138 25.24 9.14 -19.91
N GLN B 139 25.52 10.41 -19.67
CA GLN B 139 26.42 10.73 -18.56
C GLN B 139 25.74 11.58 -17.51
N THR B 140 25.24 10.88 -16.51
CA THR B 140 24.66 11.47 -15.32
C THR B 140 25.37 10.79 -14.13
N LYS B 141 25.01 11.14 -12.91
CA LYS B 141 25.55 10.43 -11.75
C LYS B 141 24.83 9.08 -11.62
N GLU B 142 23.60 9.00 -12.08
CA GLU B 142 22.89 7.73 -12.18
C GLU B 142 23.69 6.66 -12.97
N SER B 143 24.45 7.07 -14.00
CA SER B 143 25.09 6.12 -14.91
C SER B 143 26.62 6.10 -14.89
N GLN B 144 27.21 7.19 -14.39
CA GLN B 144 28.66 7.32 -14.21
C GLN B 144 29.29 6.03 -13.67
N GLU B 145 28.67 5.49 -12.63
CA GLU B 145 29.16 4.32 -11.92
C GLU B 145 29.16 3.08 -12.83
N THR B 146 28.04 2.83 -13.48
CA THR B 146 27.89 1.69 -14.39
C THR B 146 28.86 1.74 -15.57
N LEU B 147 29.00 2.92 -16.17
CA LEU B 147 29.87 3.10 -17.33
C LEU B 147 31.34 2.88 -16.99
N HIS B 148 31.78 3.35 -15.83
CA HIS B 148 33.14 3.11 -15.33
CA HIS B 148 33.15 3.10 -15.41
C HIS B 148 33.37 1.62 -15.15
N LYS B 149 32.36 0.93 -14.61
CA LYS B 149 32.45 -0.50 -14.40
C LYS B 149 32.66 -1.29 -15.72
N PHE B 150 31.90 -0.93 -16.75
CA PHE B 150 31.96 -1.63 -18.03
C PHE B 150 33.24 -1.36 -18.82
N ALA B 151 33.77 -0.14 -18.68
CA ALA B 151 34.90 0.27 -19.48
C ALA B 151 36.21 -0.36 -18.97
N SER B 152 37.12 -0.64 -19.90
CA SER B 152 38.49 -0.95 -19.56
C SER B 152 39.11 0.25 -18.82
N LYS B 153 40.18 0.00 -18.07
CA LYS B 153 40.81 1.03 -17.23
C LYS B 153 42.14 1.47 -17.83
N PRO B 154 42.41 2.78 -17.85
CA PRO B 154 41.62 3.87 -17.27
C PRO B 154 40.36 4.20 -18.08
N ALA B 155 39.22 4.30 -17.39
CA ALA B 155 37.93 4.57 -18.03
C ALA B 155 37.93 5.82 -18.91
N SER B 156 38.72 6.82 -18.51
CA SER B 156 38.84 8.07 -19.27
C SER B 156 39.38 7.88 -20.69
N GLU B 157 40.03 6.76 -20.96
CA GLU B 157 40.50 6.43 -22.30
C GLU B 157 39.52 5.51 -23.05
N PHE B 158 38.54 4.96 -22.35
CA PHE B 158 37.66 3.97 -22.96
C PHE B 158 36.18 4.35 -23.00
N VAL B 159 35.79 5.35 -22.23
CA VAL B 159 34.45 5.90 -22.31
C VAL B 159 34.46 6.99 -23.37
N LYS B 160 33.67 6.79 -24.43
CA LYS B 160 33.63 7.69 -25.58
C LYS B 160 32.22 8.17 -25.88
N ILE B 161 32.12 9.18 -26.73
CA ILE B 161 30.83 9.69 -27.21
C ILE B 161 30.75 9.38 -28.72
N LEU B 162 29.73 8.64 -29.12
CA LEU B 162 29.56 8.23 -30.51
C LEU B 162 29.75 9.42 -31.46
N ASP B 163 29.15 10.55 -31.12
CA ASP B 163 29.17 11.75 -31.96
C ASP B 163 30.58 12.27 -32.29
N THR B 164 31.46 12.33 -31.31
CA THR B 164 32.84 12.76 -31.54
C THR B 164 33.76 11.60 -31.96
N PHE B 165 33.52 10.41 -31.43
CA PHE B 165 34.35 9.24 -31.70
C PHE B 165 34.32 8.82 -33.17
N GLU B 166 33.14 8.86 -33.78
CA GLU B 166 32.97 8.44 -35.17
C GLU B 166 33.72 9.31 -36.19
N LYS B 167 34.06 10.55 -35.82
CA LYS B 167 34.77 11.45 -36.71
C LYS B 167 36.29 11.25 -36.71
N LEU B 168 36.81 10.41 -35.82
CA LEU B 168 38.28 10.27 -35.70
C LEU B 168 38.92 9.70 -36.97
N LYS B 169 39.85 10.45 -37.53
CA LYS B 169 40.57 10.06 -38.73
C LYS B 169 41.27 8.73 -38.52
N ASP B 170 41.87 8.56 -37.34
CA ASP B 170 42.69 7.40 -37.02
C ASP B 170 41.90 6.38 -36.20
N LEU B 171 40.63 6.18 -36.56
CA LEU B 171 39.74 5.30 -35.79
C LEU B 171 40.19 3.84 -35.76
N CYS B 172 40.58 3.31 -36.91
CA CYS B 172 40.96 1.91 -36.99
C CYS B 172 42.27 1.64 -36.23
N THR B 173 43.22 2.58 -36.26
CA THR B 173 44.44 2.44 -35.46
C THR B 173 44.12 2.59 -33.97
N GLU B 174 43.14 3.42 -33.64
CA GLU B 174 42.70 3.58 -32.24
C GLU B 174 42.14 2.29 -31.65
N LEU B 175 41.26 1.62 -32.38
CA LEU B 175 40.67 0.36 -31.88
C LEU B 175 41.68 -0.79 -31.82
N GLN B 176 42.80 -0.66 -32.53
CA GLN B 176 43.91 -1.63 -32.48
C GLN B 176 44.87 -1.45 -31.30
N LYS B 177 44.72 -0.34 -30.58
CA LYS B 177 45.56 -0.03 -29.41
C LYS B 177 45.58 -1.18 -28.44
N LYS B 178 46.77 -1.54 -27.95
CA LYS B 178 46.89 -2.63 -26.97
C LYS B 178 47.68 -2.28 -25.72
N ILE B 179 48.42 -1.18 -25.76
CA ILE B 179 49.10 -0.65 -24.59
C ILE B 179 48.27 0.54 -24.08
N TYR B 180 47.90 0.49 -22.80
CA TYR B 180 46.99 1.48 -22.22
C TYR B 180 47.00 1.44 -20.70
N GLU C 1 1.19 10.54 2.83
CA GLU C 1 1.17 9.61 4.00
C GLU C 1 2.37 8.67 3.96
N VAL C 2 2.93 8.41 5.14
CA VAL C 2 4.04 7.45 5.29
C VAL C 2 3.51 6.06 5.64
N GLN C 3 4.08 5.03 5.02
CA GLN C 3 3.59 3.66 5.15
C GLN C 3 4.69 2.60 5.06
N LEU C 4 4.44 1.48 5.72
CA LEU C 4 5.23 0.28 5.57
C LEU C 4 4.26 -0.84 5.13
N LEU C 5 4.52 -1.45 3.98
CA LEU C 5 3.63 -2.50 3.46
C LEU C 5 4.37 -3.83 3.35
N GLU C 6 3.99 -4.78 4.20
CA GLU C 6 4.57 -6.11 4.18
C GLU C 6 3.89 -6.96 3.11
N SER C 7 4.63 -7.93 2.60
CA SER C 7 4.09 -9.00 1.77
C SER C 7 4.98 -10.21 1.95
N GLY C 8 4.53 -11.36 1.48
CA GLY C 8 5.34 -12.58 1.50
C GLY C 8 4.85 -13.65 2.47
N GLY C 9 3.96 -13.27 3.38
CA GLY C 9 3.40 -14.23 4.33
C GLY C 9 2.74 -15.41 3.61
N GLY C 10 2.75 -16.56 4.28
CA GLY C 10 2.14 -17.75 3.69
C GLY C 10 2.24 -18.94 4.61
N LEU C 11 1.83 -20.09 4.08
CA LEU C 11 1.90 -21.35 4.78
C LEU C 11 3.18 -22.05 4.32
N VAL C 12 3.99 -22.48 5.30
CA VAL C 12 5.23 -23.24 5.04
C VAL C 12 5.23 -24.48 5.93
N GLN C 13 5.80 -25.57 5.43
CA GLN C 13 6.05 -26.74 6.29
C GLN C 13 7.26 -26.49 7.20
N PRO C 14 7.31 -27.18 8.37
CA PRO C 14 8.48 -27.03 9.24
C PRO C 14 9.74 -27.46 8.52
N GLY C 15 10.83 -26.72 8.75
CA GLY C 15 12.08 -26.95 8.03
C GLY C 15 12.19 -26.09 6.78
N GLY C 16 11.06 -25.60 6.28
CA GLY C 16 11.03 -24.82 5.05
C GLY C 16 11.49 -23.38 5.24
N SER C 17 11.41 -22.63 4.15
CA SER C 17 11.83 -21.23 4.15
C SER C 17 10.80 -20.31 3.50
N LEU C 18 10.89 -19.03 3.82
CA LEU C 18 10.01 -18.01 3.27
C LEU C 18 10.68 -16.63 3.37
N ARG C 19 10.61 -15.85 2.30
CA ARG C 19 11.10 -14.48 2.31
C ARG C 19 9.97 -13.44 2.47
N LEU C 20 10.09 -12.58 3.48
CA LEU C 20 9.18 -11.45 3.64
C LEU C 20 9.77 -10.18 3.01
N SER C 21 8.89 -9.31 2.52
CA SER C 21 9.30 -7.98 2.05
C SER C 21 8.50 -6.90 2.76
N CYS C 22 9.09 -5.71 2.84
CA CYS C 22 8.48 -4.57 3.48
C CYS C 22 8.85 -3.32 2.67
N ALA C 23 7.90 -2.87 1.85
CA ALA C 23 8.09 -1.67 1.04
C ALA C 23 7.77 -0.42 1.87
N ALA C 24 8.72 0.50 1.91
CA ALA C 24 8.52 1.80 2.56
C ALA C 24 8.08 2.77 1.50
N SER C 25 7.20 3.70 1.89
CA SER C 25 6.84 4.83 1.04
C SER C 25 6.63 6.08 1.88
N GLY C 26 6.96 7.22 1.31
CA GLY C 26 6.66 8.51 1.92
C GLY C 26 7.71 9.06 2.87
N PHE C 27 8.80 8.32 3.10
CA PHE C 27 9.87 8.85 3.98
C PHE C 27 11.26 8.35 3.62
N THR C 28 12.27 8.91 4.30
CA THR C 28 13.66 8.62 3.94
C THR C 28 14.14 7.36 4.64
N PHE C 29 13.64 6.25 4.11
CA PHE C 29 13.92 4.90 4.61
C PHE C 29 15.40 4.64 4.88
N SER C 30 16.27 5.13 4.01
CA SER C 30 17.70 4.89 4.14
C SER C 30 18.36 5.49 5.39
N ARG C 31 17.69 6.40 6.08
CA ARG C 31 18.22 6.96 7.33
C ARG C 31 17.90 6.15 8.57
N TYR C 32 17.00 5.19 8.45
CA TYR C 32 16.39 4.53 9.61
C TYR C 32 16.88 3.12 9.88
N VAL C 33 17.15 2.80 11.14
CA VAL C 33 17.18 1.42 11.59
C VAL C 33 15.77 0.85 11.38
N MET C 34 15.71 -0.35 10.79
CA MET C 34 14.47 -1.03 10.48
C MET C 34 14.41 -2.36 11.22
N TRP C 35 13.21 -2.73 11.66
CA TRP C 35 12.97 -3.90 12.52
C TRP C 35 11.96 -4.88 11.93
N TRP C 36 12.12 -6.15 12.29
CA TRP C 36 11.02 -7.12 12.21
C TRP C 36 10.62 -7.48 13.63
N VAL C 37 9.32 -7.40 13.88
CA VAL C 37 8.73 -7.66 15.19
C VAL C 37 7.57 -8.56 14.92
N ARG C 38 7.46 -9.65 15.68
CA ARG C 38 6.38 -10.60 15.48
C ARG C 38 5.43 -10.73 16.68
N GLN C 39 4.22 -11.17 16.40
CA GLN C 39 3.21 -11.36 17.42
C GLN C 39 2.50 -12.67 17.13
N ALA C 40 2.73 -13.67 17.98
CA ALA C 40 2.03 -14.94 17.87
C ALA C 40 0.57 -14.72 18.25
N PRO C 41 -0.34 -15.52 17.65
CA PRO C 41 -1.78 -15.37 17.90
C PRO C 41 -2.08 -15.22 19.39
N GLY C 42 -2.73 -14.11 19.74
CA GLY C 42 -3.09 -13.82 21.12
C GLY C 42 -1.93 -13.66 22.10
N LYS C 43 -0.77 -13.24 21.60
CA LYS C 43 0.41 -13.03 22.45
C LYS C 43 0.88 -11.58 22.33
N GLY C 44 2.01 -11.27 22.96
CA GLY C 44 2.62 -9.96 22.87
C GLY C 44 3.59 -9.80 21.72
N LEU C 45 4.29 -8.67 21.72
CA LEU C 45 5.14 -8.28 20.63
C LEU C 45 6.57 -8.68 20.96
N GLU C 46 7.23 -9.35 20.02
CA GLU C 46 8.59 -9.84 20.19
C GLU C 46 9.45 -9.35 19.01
N TRP C 47 10.44 -8.51 19.29
CA TRP C 47 11.38 -8.12 18.22
C TRP C 47 12.23 -9.33 17.81
N VAL C 48 12.44 -9.47 16.52
CA VAL C 48 13.12 -10.62 15.95
C VAL C 48 14.46 -10.22 15.37
N SER C 49 14.49 -9.10 14.65
CA SER C 49 15.71 -8.66 13.99
C SER C 49 15.68 -7.16 13.69
N TYR C 50 16.87 -6.55 13.66
CA TYR C 50 17.01 -5.20 13.13
C TYR C 50 18.32 -5.01 12.40
N ILE C 51 18.36 -3.93 11.62
CA ILE C 51 19.44 -3.65 10.69
C ILE C 51 19.66 -2.14 10.58
N TRP C 52 20.95 -1.75 10.54
CA TRP C 52 21.34 -0.35 10.48
C TRP C 52 21.01 0.23 9.11
N PRO C 53 20.96 1.57 9.00
CA PRO C 53 20.68 2.23 7.73
C PRO C 53 21.61 1.78 6.60
N SER C 54 22.91 1.74 6.90
CA SER C 54 23.97 1.33 5.99
C SER C 54 25.11 0.67 6.76
N GLY C 55 26.02 0.05 6.02
CA GLY C 55 27.20 -0.60 6.61
C GLY C 55 27.00 -2.09 6.85
N GLY C 56 25.76 -2.49 7.12
CA GLY C 56 25.38 -3.91 7.15
C GLY C 56 25.35 -4.59 8.51
N ASN C 57 25.39 -3.81 9.60
CA ASN C 57 25.21 -4.39 10.94
C ASN C 57 23.80 -4.97 11.06
N THR C 58 23.73 -6.24 11.45
CA THR C 58 22.45 -6.92 11.67
C THR C 58 22.41 -7.54 13.06
N TYR C 59 21.21 -7.69 13.61
CA TYR C 59 21.04 -8.15 14.99
C TYR C 59 19.83 -9.07 15.04
N TYR C 60 19.90 -10.08 15.90
CA TYR C 60 18.88 -11.11 15.96
C TYR C 60 18.58 -11.52 17.39
N ALA C 61 17.31 -11.85 17.63
CA ALA C 61 16.90 -12.39 18.92
C ALA C 61 17.41 -13.81 18.98
N ASP C 62 17.75 -14.26 20.19
CA ASP C 62 18.27 -15.60 20.40
C ASP C 62 17.37 -16.63 19.70
N SER C 63 16.06 -16.44 19.81
CA SER C 63 15.06 -17.35 19.25
C SER C 63 15.22 -17.63 17.76
N VAL C 64 15.74 -16.68 16.99
CA VAL C 64 15.81 -16.80 15.53
C VAL C 64 17.23 -16.85 14.96
N LYS C 65 18.24 -16.76 15.82
CA LYS C 65 19.63 -16.59 15.36
C LYS C 65 20.16 -17.82 14.58
N GLY C 66 20.82 -17.55 13.46
CA GLY C 66 21.30 -18.59 12.56
C GLY C 66 20.31 -18.90 11.45
N ARG C 67 19.02 -18.79 11.76
CA ARG C 67 17.94 -19.26 10.89
C ARG C 67 17.36 -18.16 10.00
N PHE C 68 17.37 -16.93 10.50
CA PHE C 68 16.78 -15.79 9.82
C PHE C 68 17.88 -14.82 9.38
N THR C 69 17.71 -14.22 8.21
CA THR C 69 18.63 -13.19 7.72
C THR C 69 17.85 -11.94 7.35
N ILE C 70 18.17 -10.83 8.02
CA ILE C 70 17.53 -9.56 7.71
C ILE C 70 18.41 -8.87 6.70
N SER C 71 17.80 -8.10 5.80
CA SER C 71 18.55 -7.33 4.81
C SER C 71 17.70 -6.18 4.28
N ARG C 72 18.32 -5.31 3.48
CA ARG C 72 17.63 -4.13 2.96
C ARG C 72 18.18 -3.68 1.60
N ASP C 73 17.28 -3.23 0.73
CA ASP C 73 17.65 -2.62 -0.54
C ASP C 73 17.23 -1.16 -0.45
N ASN C 74 18.18 -0.29 -0.11
CA ASN C 74 17.91 1.12 0.05
C ASN C 74 17.52 1.84 -1.25
N SER C 75 17.88 1.28 -2.39
CA SER C 75 17.50 1.85 -3.68
C SER C 75 16.02 1.58 -4.03
N LYS C 76 15.42 0.56 -3.42
CA LYS C 76 13.99 0.28 -3.60
C LYS C 76 13.16 0.63 -2.38
N ASN C 77 13.83 1.14 -1.34
CA ASN C 77 13.22 1.38 -0.02
C ASN C 77 12.50 0.17 0.52
N THR C 78 13.19 -0.96 0.49
CA THR C 78 12.61 -2.25 0.82
C THR C 78 13.46 -2.97 1.87
N LEU C 79 12.77 -3.65 2.78
CA LEU C 79 13.37 -4.43 3.85
C LEU C 79 12.98 -5.89 3.62
N TYR C 80 13.90 -6.80 3.90
CA TYR C 80 13.62 -8.23 3.71
C TYR C 80 13.89 -9.02 4.98
N LEU C 81 13.23 -10.18 5.08
CA LEU C 81 13.55 -11.19 6.06
C LEU C 81 13.54 -12.55 5.39
N GLN C 82 14.71 -13.18 5.31
CA GLN C 82 14.82 -14.54 4.80
C GLN C 82 14.77 -15.46 5.99
N MET C 83 13.70 -16.25 6.07
CA MET C 83 13.47 -17.16 7.18
C MET C 83 13.71 -18.56 6.68
N ASN C 84 14.64 -19.27 7.31
CA ASN C 84 14.95 -20.68 6.98
C ASN C 84 14.77 -21.57 8.20
N SER C 85 14.76 -22.88 7.98
CA SER C 85 14.57 -23.86 9.07
C SER C 85 13.38 -23.44 9.93
N LEU C 86 12.28 -23.12 9.28
CA LEU C 86 11.14 -22.54 9.97
C LEU C 86 10.53 -23.58 10.91
N ARG C 87 10.08 -23.11 12.07
CA ARG C 87 9.49 -23.97 13.09
C ARG C 87 8.04 -23.55 13.35
N ALA C 88 7.27 -24.47 13.93
CA ALA C 88 5.89 -24.20 14.31
C ALA C 88 5.76 -22.95 15.17
N GLU C 89 6.70 -22.76 16.09
CA GLU C 89 6.67 -21.61 17.00
C GLU C 89 7.07 -20.29 16.35
N ASP C 90 7.50 -20.32 15.10
CA ASP C 90 7.70 -19.11 14.33
C ASP C 90 6.39 -18.57 13.79
N THR C 91 5.31 -19.34 13.95
CA THR C 91 3.99 -18.90 13.52
C THR C 91 3.59 -17.63 14.25
N ALA C 92 3.24 -16.61 13.46
CA ALA C 92 2.92 -15.29 13.98
C ALA C 92 2.61 -14.31 12.84
N VAL C 93 2.02 -13.18 13.23
CA VAL C 93 1.99 -11.99 12.38
C VAL C 93 3.37 -11.32 12.50
N TYR C 94 4.00 -11.08 11.35
CA TYR C 94 5.28 -10.35 11.33
C TYR C 94 5.05 -8.91 10.87
N TYR C 95 5.49 -7.97 11.70
CA TYR C 95 5.47 -6.56 11.35
C TYR C 95 6.89 -6.06 11.07
N CYS C 96 7.03 -5.15 10.12
CA CYS C 96 8.24 -4.33 10.03
C CYS C 96 7.95 -2.97 10.65
N ALA C 97 8.98 -2.37 11.21
CA ALA C 97 8.86 -1.09 11.91
C ALA C 97 10.16 -0.30 11.81
N SER C 98 10.03 1.03 11.84
CA SER C 98 11.17 1.91 11.79
C SER C 98 11.49 2.42 13.21
N SER C 99 12.77 2.71 13.46
CA SER C 99 13.23 3.27 14.73
C SER C 99 12.83 4.73 14.84
N TYR C 100 12.21 5.08 15.96
CA TYR C 100 12.00 6.47 16.30
C TYR C 100 13.36 7.17 16.40
N ASP C 101 13.43 8.38 15.83
CA ASP C 101 14.63 9.23 15.84
C ASP C 101 15.83 8.56 15.15
N PHE C 102 15.54 7.90 14.04
CA PHE C 102 16.52 7.17 13.22
C PHE C 102 17.03 5.85 13.85
N TRP C 103 17.53 5.87 15.08
CA TRP C 103 18.04 4.63 15.67
C TRP C 103 17.83 4.49 17.18
N SER C 104 16.75 5.06 17.71
CA SER C 104 16.38 4.78 19.08
C SER C 104 15.83 3.36 19.14
N ASN C 105 15.53 2.92 20.35
CA ASN C 105 14.88 1.62 20.58
C ASN C 105 13.37 1.75 20.81
N ALA C 106 12.80 2.90 20.46
CA ALA C 106 11.36 3.07 20.35
C ALA C 106 10.98 2.98 18.88
N PHE C 107 9.72 2.67 18.62
CA PHE C 107 9.24 2.49 17.24
C PHE C 107 8.44 3.68 16.78
N ASP C 108 8.68 4.06 15.53
CA ASP C 108 8.03 5.19 14.90
C ASP C 108 6.84 4.71 14.06
N ILE C 109 7.14 4.01 12.97
CA ILE C 109 6.12 3.50 12.05
C ILE C 109 6.11 1.98 12.08
N TRP C 110 4.89 1.42 12.06
CA TRP C 110 4.63 -0.01 11.97
C TRP C 110 3.97 -0.32 10.62
N GLY C 111 4.27 -1.49 10.06
CA GLY C 111 3.54 -1.99 8.88
C GLY C 111 2.20 -2.62 9.25
N GLN C 112 1.49 -3.15 8.24
CA GLN C 112 0.13 -3.70 8.45
C GLN C 112 0.20 -5.11 9.00
N GLY C 113 1.33 -5.78 8.82
CA GLY C 113 1.48 -7.15 9.25
C GLY C 113 1.30 -8.09 8.07
N THR C 114 2.01 -9.21 8.12
CA THR C 114 1.80 -10.32 7.18
C THR C 114 1.86 -11.61 8.01
N MET C 115 1.01 -12.57 7.71
CA MET C 115 0.88 -13.77 8.54
C MET C 115 1.76 -14.87 8.03
N VAL C 116 2.51 -15.48 8.94
CA VAL C 116 3.36 -16.62 8.63
C VAL C 116 2.89 -17.80 9.46
N THR C 117 2.58 -18.90 8.77
CA THR C 117 2.06 -20.10 9.41
C THR C 117 3.01 -21.25 9.07
N VAL C 118 3.49 -21.92 10.11
CA VAL C 118 4.40 -23.05 9.93
C VAL C 118 3.73 -24.27 10.51
N SER C 119 3.47 -25.25 9.65
CA SER C 119 2.68 -26.43 10.05
C SER C 119 2.84 -27.58 9.07
N SER C 120 2.85 -28.80 9.61
CA SER C 120 2.80 -29.99 8.78
C SER C 120 1.41 -30.23 8.16
N ALA C 121 0.39 -29.52 8.65
CA ALA C 121 -0.96 -29.67 8.10
C ALA C 121 -1.02 -29.17 6.66
N SER C 122 -1.59 -29.99 5.77
CA SER C 122 -1.76 -29.61 4.38
C SER C 122 -3.03 -28.77 4.17
N THR C 123 -3.01 -27.93 3.14
CA THR C 123 -4.18 -27.11 2.79
C THR C 123 -5.37 -28.02 2.48
N LYS C 124 -6.54 -27.61 2.96
CA LYS C 124 -7.73 -28.45 2.89
C LYS C 124 -9.02 -27.65 3.08
N GLY C 125 -9.99 -27.91 2.21
CA GLY C 125 -11.31 -27.31 2.32
C GLY C 125 -12.07 -27.92 3.50
N PRO C 126 -13.05 -27.17 4.03
CA PRO C 126 -13.86 -27.68 5.14
C PRO C 126 -14.99 -28.65 4.75
N SER C 127 -15.41 -29.43 5.73
CA SER C 127 -16.73 -30.07 5.73
C SER C 127 -17.72 -29.12 6.39
N VAL C 128 -18.87 -28.92 5.75
CA VAL C 128 -19.88 -28.03 6.30
C VAL C 128 -21.08 -28.87 6.71
N PHE C 129 -21.37 -28.90 8.02
CA PHE C 129 -22.52 -29.63 8.57
C PHE C 129 -23.61 -28.67 9.08
N PRO C 130 -24.89 -29.03 8.89
CA PRO C 130 -25.95 -28.16 9.40
C PRO C 130 -26.18 -28.38 10.89
N LEU C 131 -26.38 -27.29 11.62
CA LEU C 131 -26.87 -27.33 12.98
C LEU C 131 -28.36 -26.98 12.89
N ALA C 132 -29.19 -28.03 12.86
CA ALA C 132 -30.61 -27.87 12.50
C ALA C 132 -31.40 -27.22 13.63
N PRO C 133 -32.39 -26.39 13.27
CA PRO C 133 -33.25 -25.82 14.30
C PRO C 133 -34.23 -26.87 14.83
N SER C 141 -41.49 -18.90 19.32
CA SER C 141 -40.49 -17.92 19.68
C SER C 141 -39.46 -17.81 18.54
N THR C 142 -38.17 -17.73 18.87
CA THR C 142 -37.15 -17.71 17.85
C THR C 142 -36.42 -19.05 17.83
N ALA C 143 -35.97 -19.45 16.66
CA ALA C 143 -35.22 -20.67 16.47
C ALA C 143 -33.75 -20.33 16.19
N ALA C 144 -32.84 -21.10 16.79
CA ALA C 144 -31.42 -21.02 16.47
C ALA C 144 -31.08 -22.10 15.45
N LEU C 145 -30.33 -21.73 14.43
CA LEU C 145 -29.76 -22.70 13.51
C LEU C 145 -28.36 -22.25 13.12
N GLY C 146 -27.59 -23.15 12.52
CA GLY C 146 -26.21 -22.83 12.16
C GLY C 146 -25.55 -23.80 11.20
N CYS C 147 -24.25 -23.58 11.02
CA CYS C 147 -23.41 -24.45 10.22
C CYS C 147 -22.15 -24.73 11.02
N LEU C 148 -21.74 -25.98 11.07
CA LEU C 148 -20.46 -26.36 11.64
C LEU C 148 -19.48 -26.49 10.49
N VAL C 149 -18.49 -25.59 10.42
CA VAL C 149 -17.47 -25.59 9.38
C VAL C 149 -16.21 -26.26 9.91
N LYS C 150 -16.01 -27.52 9.53
CA LYS C 150 -15.05 -28.39 10.20
C LYS C 150 -13.90 -28.87 9.32
N ASP C 151 -12.74 -29.06 9.97
CA ASP C 151 -11.56 -29.73 9.40
C ASP C 151 -10.98 -29.05 8.14
N TYR C 152 -10.66 -27.77 8.28
CA TYR C 152 -10.07 -26.99 7.20
C TYR C 152 -8.78 -26.36 7.64
N PHE C 153 -7.94 -26.06 6.66
CA PHE C 153 -6.64 -25.48 6.90
C PHE C 153 -6.08 -24.87 5.61
N PRO C 154 -5.39 -23.72 5.72
CA PRO C 154 -5.25 -22.88 6.89
C PRO C 154 -6.45 -21.93 7.00
N GLU C 155 -6.41 -21.05 8.00
CA GLU C 155 -7.39 -19.98 8.14
C GLU C 155 -7.11 -19.00 6.97
N PRO C 156 -8.12 -18.20 6.54
CA PRO C 156 -9.47 -18.12 7.08
C PRO C 156 -10.56 -18.80 6.27
N VAL C 157 -11.69 -19.04 6.92
CA VAL C 157 -12.96 -19.17 6.23
C VAL C 157 -13.79 -17.91 6.47
N THR C 158 -14.66 -17.59 5.52
CA THR C 158 -15.71 -16.61 5.74
C THR C 158 -17.06 -17.31 5.61
N VAL C 159 -18.02 -16.87 6.43
CA VAL C 159 -19.39 -17.36 6.39
C VAL C 159 -20.36 -16.19 6.27
N SER C 160 -21.32 -16.32 5.36
CA SER C 160 -22.46 -15.43 5.31
C SER C 160 -23.72 -16.30 5.25
N TRP C 161 -24.88 -15.68 5.45
CA TRP C 161 -26.17 -16.37 5.39
C TRP C 161 -27.06 -15.78 4.31
N ASN C 162 -27.66 -16.66 3.51
CA ASN C 162 -28.58 -16.25 2.44
C ASN C 162 -28.00 -15.16 1.55
N SER C 163 -26.70 -15.34 1.23
CA SER C 163 -25.96 -14.45 0.34
C SER C 163 -25.78 -13.05 0.90
N GLY C 164 -25.80 -12.92 2.23
CA GLY C 164 -25.61 -11.62 2.86
C GLY C 164 -26.92 -10.90 3.11
N ALA C 165 -28.02 -11.49 2.64
CA ALA C 165 -29.36 -10.95 2.85
C ALA C 165 -29.82 -11.13 4.30
N LEU C 166 -29.20 -12.06 5.02
CA LEU C 166 -29.49 -12.27 6.44
C LEU C 166 -28.23 -11.96 7.25
N THR C 167 -28.29 -10.86 8.01
CA THR C 167 -27.16 -10.37 8.82
C THR C 167 -27.47 -10.22 10.31
N SER C 168 -28.66 -9.74 10.65
CA SER C 168 -29.09 -9.65 12.05
C SER C 168 -29.14 -11.00 12.74
N GLY C 169 -28.61 -11.05 13.96
CA GLY C 169 -28.62 -12.28 14.76
C GLY C 169 -27.53 -13.30 14.41
N VAL C 170 -26.60 -12.92 13.55
CA VAL C 170 -25.55 -13.83 13.10
C VAL C 170 -24.31 -13.74 14.00
N HIS C 171 -23.85 -14.91 14.44
CA HIS C 171 -22.58 -15.03 15.16
C HIS C 171 -21.72 -16.12 14.56
N THR C 172 -20.63 -15.73 13.92
CA THR C 172 -19.62 -16.66 13.43
C THR C 172 -18.49 -16.64 14.44
N PHE C 173 -18.22 -17.77 15.08
CA PHE C 173 -17.23 -17.82 16.16
C PHE C 173 -15.79 -17.86 15.62
N PRO C 174 -14.83 -17.41 16.44
CA PRO C 174 -13.42 -17.58 16.05
C PRO C 174 -13.09 -19.06 15.80
N ALA C 175 -12.18 -19.32 14.86
CA ALA C 175 -11.72 -20.68 14.56
C ALA C 175 -10.98 -21.23 15.77
N VAL C 176 -11.12 -22.52 16.02
CA VAL C 176 -10.35 -23.21 17.03
C VAL C 176 -9.48 -24.25 16.34
N LEU C 177 -8.19 -24.25 16.67
CA LEU C 177 -7.28 -25.26 16.20
C LEU C 177 -7.53 -26.54 17.02
N GLN C 178 -7.95 -27.60 16.33
CA GLN C 178 -8.19 -28.88 16.96
C GLN C 178 -6.86 -29.59 17.12
N SER C 179 -6.85 -30.65 17.91
CA SER C 179 -5.65 -31.46 18.12
C SER C 179 -5.11 -32.09 16.83
N SER C 180 -5.99 -32.31 15.85
CA SER C 180 -5.58 -32.79 14.52
C SER C 180 -4.66 -31.84 13.75
N GLY C 181 -4.56 -30.57 14.16
CA GLY C 181 -3.87 -29.54 13.39
C GLY C 181 -4.75 -28.82 12.37
N LEU C 182 -6.05 -29.15 12.35
CA LEU C 182 -7.01 -28.53 11.42
C LEU C 182 -7.96 -27.65 12.19
N TYR C 183 -8.46 -26.60 11.55
CA TYR C 183 -9.38 -25.67 12.22
C TYR C 183 -10.83 -26.10 12.16
N SER C 184 -11.62 -25.52 13.06
CA SER C 184 -13.06 -25.71 13.09
C SER C 184 -13.76 -24.48 13.69
N LEU C 185 -14.94 -24.17 13.19
CA LEU C 185 -15.82 -23.16 13.80
C LEU C 185 -17.30 -23.43 13.51
N SER C 186 -18.15 -22.78 14.27
CA SER C 186 -19.59 -22.73 13.99
C SER C 186 -19.99 -21.29 13.68
N SER C 187 -20.98 -21.16 12.81
CA SER C 187 -21.69 -19.91 12.61
C SER C 187 -23.15 -20.22 12.87
N VAL C 188 -23.78 -19.38 13.70
CA VAL C 188 -25.15 -19.59 14.14
C VAL C 188 -25.96 -18.33 13.85
N VAL C 189 -27.26 -18.52 13.62
CA VAL C 189 -28.17 -17.38 13.50
C VAL C 189 -29.52 -17.72 14.16
N THR C 190 -30.14 -16.73 14.79
CA THR C 190 -31.46 -16.92 15.39
C THR C 190 -32.48 -16.24 14.49
N VAL C 191 -33.60 -16.92 14.26
CA VAL C 191 -34.62 -16.49 13.33
C VAL C 191 -36.00 -16.77 13.92
N PRO C 192 -37.04 -16.10 13.42
CA PRO C 192 -38.38 -16.46 13.93
C PRO C 192 -38.74 -17.88 13.49
N SER C 193 -39.22 -18.68 14.43
CA SER C 193 -39.60 -20.07 14.16
C SER C 193 -40.69 -20.19 13.09
N SER C 194 -41.54 -19.18 12.97
CA SER C 194 -42.59 -19.21 11.94
C SER C 194 -42.02 -19.08 10.51
N SER C 195 -40.78 -18.61 10.38
CA SER C 195 -40.15 -18.45 9.08
C SER C 195 -39.56 -19.76 8.51
N LEU C 196 -39.45 -20.79 9.35
CA LEU C 196 -38.81 -22.03 8.96
C LEU C 196 -39.52 -22.77 7.84
N GLY C 197 -40.83 -22.56 7.69
CA GLY C 197 -41.61 -23.17 6.63
C GLY C 197 -41.84 -22.31 5.40
N THR C 198 -41.35 -21.07 5.42
CA THR C 198 -41.57 -20.12 4.32
C THR C 198 -40.30 -19.44 3.81
N LYS C 199 -39.13 -19.86 4.31
CA LYS C 199 -37.83 -19.30 3.92
C LYS C 199 -36.77 -20.39 3.97
N THR C 200 -35.81 -20.31 3.06
CA THR C 200 -34.67 -21.24 3.00
C THR C 200 -33.50 -20.55 3.67
N TYR C 201 -32.84 -21.25 4.59
CA TYR C 201 -31.64 -20.73 5.26
C TYR C 201 -30.42 -21.47 4.76
N THR C 202 -29.50 -20.73 4.13
CA THR C 202 -28.29 -21.26 3.50
C THR C 202 -27.08 -20.53 4.06
N CYS C 203 -26.08 -21.30 4.49
CA CYS C 203 -24.82 -20.68 4.87
C CYS C 203 -23.83 -20.78 3.70
N ASN C 204 -23.28 -19.63 3.34
CA ASN C 204 -22.33 -19.54 2.25
C ASN C 204 -20.94 -19.53 2.89
N VAL C 205 -20.24 -20.65 2.79
CA VAL C 205 -18.91 -20.79 3.36
C VAL C 205 -17.83 -20.67 2.28
N ASP C 206 -16.89 -19.75 2.49
CA ASP C 206 -15.79 -19.50 1.56
C ASP C 206 -14.46 -19.86 2.22
N HIS C 207 -13.66 -20.67 1.54
CA HIS C 207 -12.29 -20.99 1.97
C HIS C 207 -11.34 -20.74 0.80
N LYS C 208 -10.78 -19.54 0.74
CA LYS C 208 -9.95 -19.13 -0.39
C LYS C 208 -8.64 -19.92 -0.59
N PRO C 209 -7.99 -20.35 0.51
CA PRO C 209 -6.76 -21.16 0.35
C PRO C 209 -6.92 -22.46 -0.44
N SER C 210 -8.10 -23.07 -0.42
CA SER C 210 -8.37 -24.28 -1.22
C SER C 210 -9.26 -23.99 -2.42
N ASN C 211 -9.58 -22.72 -2.65
CA ASN C 211 -10.49 -22.32 -3.73
C ASN C 211 -11.85 -23.03 -3.63
N THR C 212 -12.35 -23.08 -2.40
CA THR C 212 -13.59 -23.76 -2.08
C THR C 212 -14.68 -22.75 -1.73
N LYS C 213 -15.84 -22.94 -2.34
CA LYS C 213 -17.05 -22.16 -2.06
C LYS C 213 -18.21 -23.13 -1.94
N VAL C 214 -18.79 -23.17 -0.73
CA VAL C 214 -19.82 -24.13 -0.39
C VAL C 214 -21.05 -23.42 0.16
N ASP C 215 -22.21 -23.80 -0.35
CA ASP C 215 -23.48 -23.36 0.17
C ASP C 215 -24.18 -24.57 0.78
N LYS C 216 -24.67 -24.43 2.00
CA LYS C 216 -25.29 -25.55 2.68
C LYS C 216 -26.64 -25.11 3.18
N ARG C 217 -27.66 -25.78 2.67
CA ARG C 217 -29.02 -25.61 3.12
C ARG C 217 -29.15 -26.24 4.50
N VAL C 218 -29.64 -25.46 5.46
CA VAL C 218 -29.90 -25.93 6.81
C VAL C 218 -31.41 -25.94 6.96
N GLU C 219 -31.98 -27.13 7.04
CA GLU C 219 -33.42 -27.24 7.17
C GLU C 219 -33.86 -27.88 8.48
N SER C 220 -35.13 -27.69 8.78
CA SER C 220 -35.72 -28.22 9.99
C SER C 220 -35.77 -29.74 9.93
N ILE D 3 15.49 -6.42 30.35
CA ILE D 3 14.54 -5.64 31.21
C ILE D 3 13.13 -6.17 31.00
N GLN D 4 12.45 -6.54 32.08
CA GLN D 4 11.08 -7.04 32.01
C GLN D 4 10.08 -5.95 32.36
N MET D 5 9.02 -5.88 31.58
CA MET D 5 7.94 -4.90 31.80
C MET D 5 6.70 -5.64 32.26
N THR D 6 6.15 -5.21 33.39
CA THR D 6 4.94 -5.81 33.95
C THR D 6 3.80 -4.80 33.92
N GLN D 7 2.78 -5.05 33.12
CA GLN D 7 1.59 -4.20 33.06
C GLN D 7 0.50 -4.77 33.91
N SER D 8 -0.28 -3.89 34.53
CA SER D 8 -1.50 -4.32 35.19
C SER D 8 -2.57 -3.24 35.07
N PRO D 9 -3.86 -3.65 34.99
CA PRO D 9 -4.30 -5.04 34.89
C PRO D 9 -4.13 -5.53 33.46
N SER D 10 -4.27 -6.84 33.26
CA SER D 10 -4.29 -7.44 31.93
C SER D 10 -5.59 -7.15 31.20
N SER D 11 -6.66 -6.90 31.96
CA SER D 11 -7.92 -6.50 31.35
C SER D 11 -8.79 -5.66 32.30
N LEU D 12 -9.52 -4.71 31.73
CA LEU D 12 -10.47 -3.94 32.50
C LEU D 12 -11.72 -3.66 31.68
N SER D 13 -12.85 -3.63 32.37
CA SER D 13 -14.14 -3.24 31.80
C SER D 13 -14.48 -1.86 32.31
N ALA D 14 -14.86 -0.96 31.41
CA ALA D 14 -15.18 0.41 31.80
C ALA D 14 -16.26 0.97 30.91
N SER D 15 -16.91 2.01 31.40
CA SER D 15 -17.96 2.67 30.64
C SER D 15 -17.41 3.84 29.86
N VAL D 16 -18.08 4.14 28.75
CA VAL D 16 -17.85 5.36 27.99
C VAL D 16 -17.91 6.56 28.96
N GLY D 17 -16.85 7.36 28.96
CA GLY D 17 -16.75 8.53 29.83
C GLY D 17 -15.97 8.31 31.11
N ASP D 18 -15.69 7.04 31.43
CA ASP D 18 -14.90 6.71 32.61
C ASP D 18 -13.43 7.13 32.47
N ARG D 19 -12.81 7.38 33.61
CA ARG D 19 -11.37 7.54 33.70
C ARG D 19 -10.70 6.17 33.88
N VAL D 20 -9.76 5.81 33.01
CA VAL D 20 -9.00 4.56 33.20
C VAL D 20 -7.50 4.82 33.41
N THR D 21 -6.88 3.97 34.22
CA THR D 21 -5.46 4.04 34.51
C THR D 21 -4.81 2.66 34.36
N ILE D 22 -3.79 2.59 33.51
CA ILE D 22 -3.02 1.39 33.30
C ILE D 22 -1.62 1.65 33.83
N THR D 23 -1.08 0.67 34.55
CA THR D 23 0.24 0.83 35.14
C THR D 23 1.25 -0.09 34.50
N CYS D 24 2.51 0.33 34.54
CA CYS D 24 3.59 -0.40 33.93
C CYS D 24 4.78 -0.32 34.86
N ARG D 25 5.34 -1.47 35.24
CA ARG D 25 6.50 -1.52 36.12
C ARG D 25 7.72 -2.10 35.40
N ALA D 26 8.86 -1.42 35.50
CA ALA D 26 10.14 -1.89 34.95
C ALA D 26 10.96 -2.68 35.99
N SER D 27 11.57 -3.79 35.56
CA SER D 27 12.42 -4.61 36.43
C SER D 27 13.64 -3.88 36.97
N GLN D 28 14.14 -2.90 36.22
CA GLN D 28 15.18 -1.99 36.69
C GLN D 28 14.81 -0.57 36.26
N SER D 29 15.55 0.42 36.74
CA SER D 29 15.28 1.82 36.45
C SER D 29 15.59 2.16 34.98
N ILE D 30 14.64 2.80 34.30
CA ILE D 30 14.77 3.12 32.87
C ILE D 30 14.58 4.63 32.60
N GLY D 31 14.70 5.45 33.64
CA GLY D 31 14.51 6.90 33.53
C GLY D 31 13.16 7.21 32.90
N SER D 32 13.17 7.95 31.79
CA SER D 32 11.94 8.20 31.04
C SER D 32 11.90 7.47 29.69
N TYR D 33 12.72 6.43 29.53
CA TYR D 33 12.74 5.66 28.28
C TYR D 33 11.56 4.66 28.21
N LEU D 34 10.34 5.17 28.28
CA LEU D 34 9.15 4.31 28.34
C LEU D 34 8.10 4.88 27.38
N ASN D 35 7.57 4.01 26.53
CA ASN D 35 6.67 4.43 25.46
C ASN D 35 5.38 3.62 25.48
N TRP D 36 4.31 4.19 24.95
CA TRP D 36 3.00 3.51 24.96
C TRP D 36 2.43 3.40 23.57
N TYR D 37 1.85 2.24 23.26
CA TYR D 37 1.27 1.93 21.96
C TYR D 37 -0.15 1.41 22.14
N GLN D 38 -1.01 1.76 21.18
CA GLN D 38 -2.37 1.26 21.10
C GLN D 38 -2.47 0.32 19.92
N GLN D 39 -3.11 -0.83 20.13
CA GLN D 39 -3.38 -1.78 19.07
C GLN D 39 -4.86 -2.16 19.08
N LYS D 40 -5.58 -1.69 18.08
CA LYS D 40 -6.96 -2.08 17.86
C LYS D 40 -6.97 -3.47 17.22
N THR D 41 -8.07 -4.19 17.40
CA THR D 41 -8.13 -5.58 16.96
C THR D 41 -7.94 -5.68 15.45
N GLY D 42 -7.07 -6.59 15.02
CA GLY D 42 -6.74 -6.80 13.62
C GLY D 42 -5.70 -5.84 13.04
N LYS D 43 -5.24 -4.90 13.85
CA LYS D 43 -4.41 -3.81 13.35
C LYS D 43 -3.03 -3.84 13.98
N ALA D 44 -2.13 -3.07 13.38
CA ALA D 44 -0.78 -2.94 13.86
C ALA D 44 -0.79 -2.04 15.09
N PRO D 45 0.27 -2.10 15.91
CA PRO D 45 0.40 -1.12 16.99
C PRO D 45 0.57 0.31 16.47
N LYS D 46 0.29 1.28 17.33
CA LYS D 46 0.40 2.68 17.00
C LYS D 46 0.84 3.45 18.24
N ALA D 47 1.85 4.30 18.05
CA ALA D 47 2.43 5.07 19.15
C ALA D 47 1.46 6.13 19.66
N LEU D 48 1.23 6.12 20.97
CA LEU D 48 0.48 7.17 21.65
C LEU D 48 1.42 8.17 22.31
N ILE D 49 2.42 7.63 23.00
CA ILE D 49 3.28 8.40 23.91
C ILE D 49 4.72 7.92 23.84
N TYR D 50 5.63 8.88 23.74
CA TYR D 50 7.06 8.65 23.82
C TYR D 50 7.61 9.31 25.09
N ALA D 51 8.76 8.82 25.56
CA ALA D 51 9.50 9.46 26.66
C ALA D 51 8.61 9.71 27.91
N ALA D 52 7.77 8.72 28.21
CA ALA D 52 6.94 8.66 29.44
C ALA D 52 5.71 9.54 29.40
N SER D 53 5.86 10.78 28.93
CA SER D 53 4.78 11.76 28.98
C SER D 53 4.58 12.59 27.73
N SER D 54 5.35 12.36 26.68
CA SER D 54 5.20 13.15 25.45
C SER D 54 4.15 12.51 24.52
N LEU D 55 3.05 13.24 24.33
CA LEU D 55 1.92 12.75 23.55
C LEU D 55 2.23 12.92 22.06
N GLN D 56 2.11 11.84 21.30
CA GLN D 56 2.39 11.87 19.86
C GLN D 56 1.34 12.73 19.13
N SER D 57 1.77 13.42 18.08
CA SER D 57 0.91 14.29 17.31
C SER D 57 -0.29 13.53 16.75
N GLY D 58 -1.45 14.20 16.77
CA GLY D 58 -2.69 13.57 16.33
C GLY D 58 -3.34 12.65 17.36
N VAL D 59 -2.67 12.32 18.45
CA VAL D 59 -3.27 11.51 19.50
C VAL D 59 -4.15 12.43 20.34
N PRO D 60 -5.39 12.00 20.64
CA PRO D 60 -6.31 12.90 21.37
C PRO D 60 -5.78 13.30 22.74
N SER D 61 -6.21 14.48 23.19
CA SER D 61 -5.74 15.07 24.46
C SER D 61 -6.09 14.23 25.69
N ARG D 62 -7.13 13.41 25.57
CA ARG D 62 -7.59 12.57 26.67
C ARG D 62 -6.56 11.53 27.14
N PHE D 63 -5.57 11.19 26.30
CA PHE D 63 -4.47 10.30 26.72
C PHE D 63 -3.33 11.10 27.36
N SER D 64 -2.82 10.61 28.49
CA SER D 64 -1.61 11.18 29.07
C SER D 64 -0.80 10.09 29.75
N GLY D 65 0.51 10.30 29.82
CA GLY D 65 1.40 9.37 30.49
C GLY D 65 2.20 10.08 31.55
N SER D 66 2.60 9.34 32.57
CA SER D 66 3.43 9.87 33.64
C SER D 66 4.34 8.79 34.19
N GLY D 67 5.29 9.21 35.03
CA GLY D 67 6.20 8.31 35.73
C GLY D 67 7.64 8.42 35.25
N SER D 68 8.53 7.82 36.03
CA SER D 68 9.93 7.69 35.68
C SER D 68 10.55 6.65 36.62
N GLY D 69 11.78 6.25 36.34
CA GLY D 69 12.42 5.19 37.09
C GLY D 69 11.87 3.81 36.72
N THR D 70 11.05 3.25 37.61
CA THR D 70 10.50 1.92 37.41
C THR D 70 8.99 1.91 37.29
N ASP D 71 8.32 3.01 37.63
CA ASP D 71 6.85 3.02 37.74
C ASP D 71 6.18 4.03 36.82
N PHE D 72 5.33 3.54 35.92
CA PHE D 72 4.72 4.35 34.87
C PHE D 72 3.23 4.10 34.78
N THR D 73 2.50 5.11 34.31
CA THR D 73 1.05 4.99 34.13
C THR D 73 0.57 5.65 32.83
N LEU D 74 -0.44 5.03 32.21
CA LEU D 74 -1.19 5.65 31.11
C LEU D 74 -2.59 5.93 31.64
N THR D 75 -3.07 7.15 31.41
CA THR D 75 -4.40 7.55 31.85
C THR D 75 -5.22 7.99 30.64
N ILE D 76 -6.43 7.50 30.53
CA ILE D 76 -7.41 8.01 29.59
C ILE D 76 -8.46 8.71 30.43
N SER D 77 -8.58 10.03 30.27
CA SER D 77 -9.40 10.84 31.18
C SER D 77 -10.88 10.53 31.05
N SER D 78 -11.30 10.16 29.84
CA SER D 78 -12.71 9.94 29.56
C SER D 78 -12.84 9.04 28.34
N LEU D 79 -13.08 7.75 28.57
CA LEU D 79 -13.07 6.76 27.49
C LEU D 79 -14.12 7.07 26.43
N GLN D 80 -13.70 6.88 25.18
CA GLN D 80 -14.63 6.87 24.07
C GLN D 80 -14.65 5.48 23.44
N LEU D 81 -15.68 5.24 22.64
CA LEU D 81 -15.89 3.95 22.00
C LEU D 81 -14.67 3.45 21.22
N GLU D 82 -14.03 4.37 20.52
CA GLU D 82 -12.81 4.08 19.76
C GLU D 82 -11.58 3.73 20.64
N ASP D 83 -11.67 3.94 21.95
CA ASP D 83 -10.56 3.65 22.86
C ASP D 83 -10.52 2.21 23.35
N PHE D 84 -11.56 1.46 23.08
CA PHE D 84 -11.60 0.08 23.53
C PHE D 84 -10.68 -0.75 22.62
N ALA D 85 -9.50 -1.06 23.16
CA ALA D 85 -8.42 -1.66 22.41
C ALA D 85 -7.42 -2.23 23.43
N THR D 86 -6.29 -2.73 22.93
CA THR D 86 -5.19 -3.16 23.79
C THR D 86 -4.09 -2.08 23.82
N TYR D 87 -3.50 -1.92 25.00
CA TYR D 87 -2.46 -0.93 25.23
C TYR D 87 -1.22 -1.66 25.78
N TYR D 88 -0.07 -1.32 25.21
CA TYR D 88 1.24 -1.87 25.60
C TYR D 88 2.19 -0.75 26.01
N CYS D 89 2.89 -0.95 27.11
CA CYS D 89 4.06 -0.14 27.40
C CYS D 89 5.29 -0.82 26.79
N GLN D 90 6.33 -0.04 26.56
CA GLN D 90 7.53 -0.52 25.91
C GLN D 90 8.73 0.32 26.31
N GLN D 91 9.76 -0.38 26.77
CA GLN D 91 10.98 0.19 27.29
C GLN D 91 11.94 0.37 26.12
N SER D 92 12.53 1.57 25.98
CA SER D 92 13.53 1.89 24.93
C SER D 92 14.90 2.21 25.54
N TYR D 93 15.07 1.86 26.80
CA TYR D 93 16.31 2.14 27.53
C TYR D 93 17.46 1.30 26.98
N SER D 94 17.18 0.03 26.70
CA SER D 94 18.06 -0.83 25.92
C SER D 94 17.21 -1.44 24.80
N THR D 95 17.65 -2.55 24.20
CA THR D 95 16.88 -3.11 23.10
C THR D 95 15.49 -3.48 23.59
N PRO D 96 14.47 -3.22 22.77
CA PRO D 96 13.11 -3.09 23.25
C PRO D 96 12.52 -4.33 23.93
N SER D 97 11.74 -4.08 24.96
CA SER D 97 10.87 -5.11 25.52
C SER D 97 9.51 -4.45 25.83
N PHE D 98 8.47 -5.28 25.80
CA PHE D 98 7.09 -4.82 25.94
C PHE D 98 6.44 -5.40 27.19
N GLY D 99 5.43 -4.68 27.69
CA GLY D 99 4.52 -5.25 28.68
C GLY D 99 3.63 -6.23 27.96
N GLN D 100 2.88 -7.03 28.73
CA GLN D 100 2.04 -8.06 28.15
C GLN D 100 0.71 -7.53 27.58
N GLY D 101 0.44 -6.25 27.79
CA GLY D 101 -0.76 -5.63 27.27
C GLY D 101 -1.92 -5.54 28.25
N THR D 102 -2.74 -4.50 28.07
CA THR D 102 -3.98 -4.33 28.80
C THR D 102 -5.13 -4.17 27.82
N LYS D 103 -6.06 -5.13 27.83
CA LYS D 103 -7.24 -5.08 26.97
C LYS D 103 -8.40 -4.36 27.68
N VAL D 104 -8.90 -3.30 27.06
CA VAL D 104 -9.92 -2.45 27.64
C VAL D 104 -11.25 -2.72 26.94
N GLU D 105 -12.23 -3.20 27.70
CA GLU D 105 -13.53 -3.56 27.15
C GLU D 105 -14.67 -2.76 27.74
N ILE D 106 -15.82 -2.83 27.09
CA ILE D 106 -16.97 -2.01 27.44
C ILE D 106 -17.83 -2.69 28.52
N LYS D 107 -18.14 -1.91 29.56
CA LYS D 107 -19.02 -2.32 30.65
C LYS D 107 -20.48 -2.01 30.26
N ARG D 108 -21.37 -2.98 30.49
CA ARG D 108 -22.80 -2.78 30.30
C ARG D 108 -23.55 -3.58 31.35
N THR D 109 -24.89 -3.47 31.34
CA THR D 109 -25.75 -4.21 32.25
C THR D 109 -25.62 -5.73 32.05
N VAL D 110 -25.60 -6.47 33.15
CA VAL D 110 -25.60 -7.93 33.12
C VAL D 110 -26.76 -8.50 32.29
N ALA D 111 -26.43 -9.40 31.37
CA ALA D 111 -27.40 -10.03 30.50
C ALA D 111 -27.21 -11.54 30.57
N ALA D 112 -28.30 -12.25 30.83
CA ALA D 112 -28.32 -13.70 30.84
C ALA D 112 -28.24 -14.27 29.42
N PRO D 113 -27.48 -15.36 29.24
CA PRO D 113 -27.45 -16.04 27.93
C PRO D 113 -28.74 -16.81 27.61
N SER D 114 -29.04 -16.93 26.32
CA SER D 114 -30.04 -17.88 25.84
C SER D 114 -29.25 -19.08 25.38
N VAL D 115 -29.73 -20.27 25.71
CA VAL D 115 -28.95 -21.48 25.49
C VAL D 115 -29.65 -22.42 24.53
N PHE D 116 -28.86 -22.93 23.59
CA PHE D 116 -29.33 -23.88 22.60
C PHE D 116 -28.36 -25.05 22.53
N ILE D 117 -28.88 -26.25 22.29
CA ILE D 117 -28.06 -27.44 22.07
C ILE D 117 -28.38 -28.05 20.68
N PHE D 118 -27.36 -28.54 20.00
CA PHE D 118 -27.51 -29.17 18.68
C PHE D 118 -26.83 -30.53 18.69
N PRO D 119 -27.56 -31.59 18.34
CA PRO D 119 -26.94 -32.88 18.15
C PRO D 119 -26.02 -32.88 16.94
N PRO D 120 -25.12 -33.87 16.84
CA PRO D 120 -24.39 -34.07 15.58
C PRO D 120 -25.34 -34.27 14.42
N SER D 121 -24.96 -33.79 13.25
CA SER D 121 -25.78 -33.96 12.09
C SER D 121 -25.66 -35.41 11.63
N ASP D 122 -26.68 -35.89 10.94
CA ASP D 122 -26.64 -37.23 10.37
C ASP D 122 -25.56 -37.38 9.29
N GLU D 123 -25.27 -36.28 8.60
CA GLU D 123 -24.20 -36.23 7.62
C GLU D 123 -22.84 -36.42 8.31
N GLN D 124 -22.60 -35.74 9.43
CA GLN D 124 -21.33 -35.89 10.15
C GLN D 124 -21.10 -37.33 10.60
N LEU D 125 -22.18 -38.01 11.00
CA LEU D 125 -22.11 -39.37 11.51
C LEU D 125 -21.76 -40.43 10.45
N LYS D 126 -21.75 -40.03 9.18
CA LYS D 126 -21.08 -40.84 8.15
C LYS D 126 -19.59 -41.05 8.48
N SER D 127 -18.98 -40.08 9.15
CA SER D 127 -17.61 -40.18 9.66
C SER D 127 -17.55 -40.94 11.00
N GLY D 128 -16.36 -40.96 11.59
CA GLY D 128 -16.14 -41.65 12.86
C GLY D 128 -16.24 -40.74 14.06
N THR D 129 -16.58 -39.47 13.85
CA THR D 129 -16.67 -38.53 14.96
C THR D 129 -18.04 -37.83 15.01
N ALA D 130 -18.40 -37.40 16.22
CA ALA D 130 -19.66 -36.71 16.49
C ALA D 130 -19.35 -35.43 17.25
N SER D 131 -19.89 -34.32 16.77
CA SER D 131 -19.77 -33.04 17.45
C SER D 131 -21.12 -32.65 18.02
N VAL D 132 -21.13 -32.29 19.29
CA VAL D 132 -22.33 -31.75 19.93
C VAL D 132 -22.04 -30.28 20.28
N VAL D 133 -22.88 -29.38 19.79
CA VAL D 133 -22.65 -27.97 19.97
C VAL D 133 -23.67 -27.40 20.95
N CYS D 134 -23.17 -26.62 21.90
CA CYS D 134 -23.98 -25.86 22.83
C CYS D 134 -23.70 -24.39 22.62
N LEU D 135 -24.76 -23.59 22.51
CA LEU D 135 -24.65 -22.17 22.20
C LEU D 135 -25.15 -21.32 23.36
N LEU D 136 -24.32 -20.38 23.78
CA LEU D 136 -24.71 -19.36 24.76
C LEU D 136 -24.77 -18.04 24.02
N ASN D 137 -25.95 -17.44 23.94
CA ASN D 137 -26.16 -16.30 23.07
C ASN D 137 -26.44 -14.99 23.82
N ASN D 138 -25.67 -13.95 23.48
CA ASN D 138 -25.91 -12.56 23.91
C ASN D 138 -25.93 -12.38 25.44
N PHE D 139 -24.80 -12.59 26.07
CA PHE D 139 -24.71 -12.45 27.51
C PHE D 139 -23.62 -11.44 27.92
N TYR D 140 -23.74 -10.93 29.13
CA TYR D 140 -22.71 -10.10 29.76
C TYR D 140 -22.80 -10.31 31.26
N PRO D 141 -21.65 -10.42 31.97
CA PRO D 141 -20.26 -10.36 31.47
C PRO D 141 -19.79 -11.68 30.83
N ARG D 142 -18.53 -11.68 30.39
CA ARG D 142 -17.93 -12.77 29.63
C ARG D 142 -17.81 -14.09 30.40
N GLU D 143 -17.52 -14.02 31.70
CA GLU D 143 -17.38 -15.22 32.52
C GLU D 143 -18.64 -16.09 32.43
N ALA D 144 -18.46 -17.35 32.03
CA ALA D 144 -19.55 -18.32 31.91
C ALA D 144 -18.98 -19.72 32.06
N LYS D 145 -19.73 -20.61 32.68
CA LYS D 145 -19.31 -21.99 32.86
C LYS D 145 -20.23 -22.92 32.09
N VAL D 146 -19.62 -23.81 31.30
CA VAL D 146 -20.35 -24.78 30.51
C VAL D 146 -19.87 -26.19 30.88
N GLN D 147 -20.76 -26.98 31.48
CA GLN D 147 -20.46 -28.38 31.79
C GLN D 147 -21.27 -29.31 30.90
N TRP D 148 -20.61 -30.34 30.37
CA TRP D 148 -21.24 -31.35 29.56
C TRP D 148 -21.53 -32.63 30.36
N LYS D 149 -22.72 -33.17 30.18
CA LYS D 149 -23.11 -34.44 30.79
C LYS D 149 -23.63 -35.43 29.74
N VAL D 150 -23.06 -36.64 29.75
CA VAL D 150 -23.50 -37.72 28.88
C VAL D 150 -24.04 -38.85 29.75
N ASP D 151 -25.32 -39.16 29.58
CA ASP D 151 -26.07 -40.03 30.52
C ASP D 151 -25.80 -39.63 31.98
N ASN D 152 -25.75 -38.32 32.21
CA ASN D 152 -25.50 -37.75 33.55
C ASN D 152 -24.07 -37.95 34.09
N ALA D 153 -23.18 -38.46 33.26
CA ALA D 153 -21.75 -38.53 33.58
C ALA D 153 -21.10 -37.22 33.10
N LEU D 154 -20.40 -36.55 34.02
CA LEU D 154 -19.71 -35.30 33.72
C LEU D 154 -18.52 -35.54 32.82
N GLN D 155 -18.40 -34.70 31.78
CA GLN D 155 -17.37 -34.82 30.77
C GLN D 155 -16.21 -33.87 31.06
N SER D 156 -15.00 -34.24 30.65
CA SER D 156 -13.83 -33.37 30.75
C SER D 156 -12.72 -33.75 29.76
N GLY D 157 -12.00 -32.75 29.28
CA GLY D 157 -10.94 -32.95 28.30
C GLY D 157 -11.39 -33.13 26.85
N ASN D 158 -12.70 -33.18 26.60
CA ASN D 158 -13.23 -33.46 25.26
C ASN D 158 -14.15 -32.36 24.69
N SER D 159 -13.98 -31.13 25.18
CA SER D 159 -14.73 -30.00 24.67
C SER D 159 -13.83 -28.77 24.46
N GLN D 160 -14.18 -27.94 23.49
CA GLN D 160 -13.48 -26.69 23.24
C GLN D 160 -14.48 -25.54 23.19
N GLU D 161 -14.08 -24.40 23.72
CA GLU D 161 -14.91 -23.21 23.75
C GLU D 161 -14.39 -22.16 22.79
N SER D 162 -15.28 -21.28 22.33
CA SER D 162 -14.89 -20.14 21.53
C SER D 162 -15.85 -18.98 21.77
N VAL D 163 -15.28 -17.82 22.09
CA VAL D 163 -16.06 -16.64 22.44
C VAL D 163 -15.85 -15.58 21.38
N THR D 164 -16.95 -14.97 20.95
CA THR D 164 -16.90 -13.84 20.02
C THR D 164 -16.31 -12.64 20.73
N GLU D 165 -15.79 -11.69 19.94
CA GLU D 165 -15.48 -10.37 20.45
C GLU D 165 -16.77 -9.64 20.79
N GLN D 166 -16.66 -8.64 21.65
CA GLN D 166 -17.83 -7.89 22.11
C GLN D 166 -18.63 -7.36 20.93
N ASP D 167 -19.94 -7.57 20.95
CA ASP D 167 -20.83 -7.11 19.89
C ASP D 167 -20.76 -5.59 19.74
N SER D 168 -20.74 -5.12 18.50
CA SER D 168 -20.56 -3.69 18.21
C SER D 168 -21.79 -2.88 18.63
N LYS D 169 -22.97 -3.47 18.50
CA LYS D 169 -24.19 -2.77 18.87
C LYS D 169 -24.44 -2.86 20.37
N ASP D 170 -24.59 -4.08 20.90
CA ASP D 170 -25.09 -4.26 22.27
C ASP D 170 -24.03 -4.62 23.32
N SER D 171 -22.78 -4.77 22.91
CA SER D 171 -21.65 -5.07 23.80
C SER D 171 -21.71 -6.43 24.52
N THR D 172 -22.58 -7.33 24.06
CA THR D 172 -22.67 -8.67 24.64
C THR D 172 -21.65 -9.60 24.01
N TYR D 173 -21.45 -10.75 24.66
CA TYR D 173 -20.65 -11.84 24.13
C TYR D 173 -21.55 -13.02 23.75
N SER D 174 -21.05 -13.87 22.86
CA SER D 174 -21.66 -15.16 22.58
C SER D 174 -20.58 -16.23 22.66
N LEU D 175 -20.97 -17.46 22.95
CA LEU D 175 -20.04 -18.53 23.17
C LEU D 175 -20.56 -19.86 22.62
N SER D 176 -19.65 -20.61 21.99
CA SER D 176 -19.91 -21.99 21.56
C SER D 176 -19.04 -22.91 22.40
N SER D 177 -19.64 -23.98 22.90
CA SER D 177 -18.88 -25.07 23.48
C SER D 177 -19.16 -26.31 22.63
N THR D 178 -18.09 -26.95 22.15
CA THR D 178 -18.24 -28.08 21.25
C THR D 178 -17.66 -29.32 21.91
N LEU D 179 -18.51 -30.33 22.10
CA LEU D 179 -18.14 -31.63 22.63
C LEU D 179 -17.82 -32.56 21.47
N THR D 180 -16.63 -33.15 21.50
CA THR D 180 -16.18 -34.05 20.44
C THR D 180 -16.09 -35.48 20.97
N LEU D 181 -16.81 -36.38 20.33
CA LEU D 181 -16.84 -37.80 20.69
C LEU D 181 -16.60 -38.63 19.46
N SER D 182 -16.23 -39.87 19.65
CA SER D 182 -16.25 -40.85 18.58
C SER D 182 -17.71 -41.23 18.34
N LYS D 183 -18.03 -41.60 17.10
CA LYS D 183 -19.37 -42.10 16.80
C LYS D 183 -19.71 -43.31 17.67
N ALA D 184 -18.74 -44.20 17.88
CA ALA D 184 -18.91 -45.36 18.76
C ALA D 184 -19.37 -44.94 20.16
N ASP D 185 -18.65 -44.01 20.78
CA ASP D 185 -19.02 -43.48 22.09
C ASP D 185 -20.38 -42.78 22.06
N TYR D 186 -20.61 -41.96 21.03
CA TYR D 186 -21.87 -41.23 20.89
C TYR D 186 -23.07 -42.17 20.82
N GLU D 187 -22.92 -43.26 20.07
CA GLU D 187 -24.01 -44.20 19.88
C GLU D 187 -24.23 -45.15 21.08
N LYS D 188 -23.31 -45.13 22.04
CA LYS D 188 -23.46 -45.90 23.28
C LYS D 188 -24.41 -45.27 24.29
N HIS D 189 -24.66 -43.97 24.14
CA HIS D 189 -25.34 -43.19 25.19
C HIS D 189 -26.58 -42.46 24.67
N LYS D 190 -27.46 -42.07 25.58
CA LYS D 190 -28.76 -41.53 25.25
C LYS D 190 -28.90 -40.02 25.56
N VAL D 191 -28.72 -39.64 26.82
CA VAL D 191 -28.92 -38.24 27.23
C VAL D 191 -27.64 -37.38 27.12
N TYR D 192 -27.71 -36.35 26.27
CA TYR D 192 -26.62 -35.40 26.12
C TYR D 192 -27.12 -34.07 26.64
N ALA D 193 -26.37 -33.48 27.57
CA ALA D 193 -26.83 -32.30 28.30
C ALA D 193 -25.73 -31.24 28.44
N CYS D 194 -26.15 -29.99 28.33
CA CYS D 194 -25.29 -28.85 28.44
C CYS D 194 -25.80 -28.04 29.61
N GLU D 195 -24.99 -27.81 30.64
CA GLU D 195 -25.42 -26.98 31.78
C GLU D 195 -24.64 -25.67 31.86
N VAL D 196 -25.36 -24.54 31.85
CA VAL D 196 -24.73 -23.23 31.79
C VAL D 196 -24.89 -22.47 33.12
N THR D 197 -23.77 -21.91 33.59
CA THR D 197 -23.76 -21.11 34.80
C THR D 197 -23.33 -19.70 34.43
N HIS D 198 -24.09 -18.73 34.91
CA HIS D 198 -23.85 -17.32 34.59
C HIS D 198 -24.63 -16.44 35.57
N GLN D 199 -24.04 -15.31 35.91
CA GLN D 199 -24.54 -14.51 37.02
C GLN D 199 -25.87 -13.81 36.71
N GLY D 200 -26.18 -13.64 35.44
CA GLY D 200 -27.47 -13.11 35.02
C GLY D 200 -28.62 -14.06 35.29
N LEU D 201 -28.30 -15.36 35.31
CA LEU D 201 -29.29 -16.40 35.60
C LEU D 201 -29.52 -16.51 37.11
N SER D 202 -30.76 -16.81 37.51
CA SER D 202 -31.06 -17.05 38.92
C SER D 202 -30.50 -18.41 39.36
N SER D 203 -30.34 -19.32 38.41
CA SER D 203 -29.69 -20.61 38.68
C SER D 203 -29.25 -21.24 37.35
N PRO D 204 -28.42 -22.31 37.42
CA PRO D 204 -27.88 -22.88 36.18
C PRO D 204 -28.95 -23.42 35.23
N VAL D 205 -28.74 -23.22 33.93
CA VAL D 205 -29.69 -23.66 32.91
C VAL D 205 -29.12 -24.86 32.14
N THR D 206 -29.96 -25.88 31.94
CA THR D 206 -29.55 -27.09 31.25
C THR D 206 -30.40 -27.28 30.01
N LYS D 207 -29.73 -27.54 28.89
CA LYS D 207 -30.38 -27.93 27.65
C LYS D 207 -29.84 -29.28 27.30
N SER D 208 -30.72 -30.17 26.85
CA SER D 208 -30.36 -31.56 26.59
C SER D 208 -31.24 -32.18 25.53
N PHE D 209 -30.78 -33.29 24.97
CA PHE D 209 -31.55 -34.09 24.02
C PHE D 209 -31.20 -35.55 24.20
N ASN D 210 -32.13 -36.42 23.83
CA ASN D 210 -31.91 -37.86 23.77
C ASN D 210 -31.55 -38.27 22.34
N ARG D 211 -30.46 -39.03 22.20
CA ARG D 211 -30.01 -39.44 20.88
C ARG D 211 -31.12 -40.17 20.13
N GLY D 212 -31.58 -39.58 19.02
CA GLY D 212 -32.57 -40.21 18.14
C GLY D 212 -34.00 -39.72 18.35
N GLU E 1 5.45 -5.81 -4.10
CA GLU E 1 5.16 -5.32 -5.47
C GLU E 1 5.47 -3.85 -5.64
N VAL E 2 5.52 -3.40 -6.89
CA VAL E 2 5.73 -2.01 -7.22
C VAL E 2 4.40 -1.27 -7.25
N GLN E 3 4.36 -0.08 -6.66
CA GLN E 3 3.18 0.74 -6.81
C GLN E 3 3.43 2.23 -6.68
N LEU E 4 2.42 2.96 -7.12
CA LEU E 4 2.37 4.40 -7.07
C LEU E 4 1.02 4.76 -6.49
N LEU E 5 0.98 5.56 -5.43
CA LEU E 5 -0.30 5.94 -4.80
C LEU E 5 -0.50 7.46 -4.87
N GLU E 6 -1.49 7.91 -5.64
CA GLU E 6 -1.83 9.34 -5.70
C GLU E 6 -2.66 9.76 -4.49
N SER E 7 -2.60 11.05 -4.19
CA SER E 7 -3.47 11.67 -3.20
C SER E 7 -3.57 13.16 -3.50
N GLY E 8 -4.53 13.83 -2.87
CA GLY E 8 -4.65 15.28 -2.94
C GLY E 8 -5.80 15.81 -3.78
N GLY E 9 -6.49 14.92 -4.49
CA GLY E 9 -7.60 15.31 -5.36
C GLY E 9 -8.76 15.87 -4.58
N GLY E 10 -9.62 16.64 -5.27
CA GLY E 10 -10.83 17.18 -4.66
C GLY E 10 -11.55 18.20 -5.53
N LEU E 11 -12.39 19.01 -4.89
CA LEU E 11 -13.14 20.06 -5.57
C LEU E 11 -12.44 21.39 -5.38
N VAL E 12 -12.15 22.07 -6.49
CA VAL E 12 -11.51 23.39 -6.46
C VAL E 12 -12.34 24.36 -7.31
N GLN E 13 -12.50 25.60 -6.82
CA GLN E 13 -13.10 26.65 -7.62
C GLN E 13 -12.17 27.08 -8.76
N PRO E 14 -12.73 27.50 -9.90
CA PRO E 14 -11.87 27.93 -11.01
C PRO E 14 -11.03 29.15 -10.61
N GLY E 15 -9.74 29.11 -10.96
CA GLY E 15 -8.79 30.12 -10.48
C GLY E 15 -7.97 29.62 -9.29
N GLY E 16 -8.52 28.67 -8.54
CA GLY E 16 -7.83 28.08 -7.40
C GLY E 16 -6.65 27.19 -7.79
N SER E 17 -5.97 26.70 -6.77
CA SER E 17 -4.86 25.78 -6.95
C SER E 17 -5.04 24.52 -6.11
N LEU E 18 -4.31 23.48 -6.48
CA LEU E 18 -4.38 22.19 -5.80
C LEU E 18 -3.06 21.46 -6.00
N ARG E 19 -2.67 20.68 -5.00
CA ARG E 19 -1.41 19.95 -5.05
C ARG E 19 -1.65 18.46 -4.96
N LEU E 20 -1.15 17.74 -5.96
CA LEU E 20 -1.21 16.27 -5.97
C LEU E 20 0.12 15.70 -5.56
N SER E 21 0.07 14.57 -4.85
CA SER E 21 1.25 13.81 -4.48
C SER E 21 1.12 12.38 -4.97
N CYS E 22 2.26 11.74 -5.20
CA CYS E 22 2.32 10.36 -5.67
C CYS E 22 3.52 9.69 -5.03
N ALA E 23 3.26 8.81 -4.07
CA ALA E 23 4.31 8.06 -3.38
C ALA E 23 4.62 6.78 -4.15
N ALA E 24 5.91 6.59 -4.50
CA ALA E 24 6.38 5.34 -5.11
C ALA E 24 6.88 4.37 -4.06
N SER E 25 6.68 3.06 -4.32
CA SER E 25 7.26 2.01 -3.50
C SER E 25 7.61 0.78 -4.32
N GLY E 26 8.60 0.03 -3.84
CA GLY E 26 9.03 -1.22 -4.46
C GLY E 26 9.95 -1.13 -5.67
N PHE E 27 10.32 0.08 -6.10
CA PHE E 27 11.23 0.24 -7.25
C PHE E 27 12.12 1.47 -7.10
N THR E 28 13.20 1.55 -7.89
CA THR E 28 14.20 2.61 -7.75
C THR E 28 13.75 3.88 -8.46
N PHE E 29 12.78 4.53 -7.81
CA PHE E 29 12.13 5.75 -8.25
C PHE E 29 13.06 6.79 -8.88
N SER E 30 14.21 7.00 -8.25
CA SER E 30 15.16 8.03 -8.68
C SER E 30 15.81 7.79 -10.03
N ARG E 31 15.67 6.58 -10.59
CA ARG E 31 16.18 6.26 -11.94
C ARG E 31 15.21 6.60 -13.08
N TYR E 32 13.94 6.83 -12.74
CA TYR E 32 12.85 6.90 -13.73
C TYR E 32 12.37 8.31 -14.03
N VAL E 33 12.14 8.58 -15.32
CA VAL E 33 11.29 9.70 -15.73
C VAL E 33 9.90 9.40 -15.17
N MET E 34 9.26 10.41 -14.59
CA MET E 34 7.94 10.28 -13.96
C MET E 34 6.97 11.23 -14.64
N TRP E 35 5.71 10.80 -14.74
CA TRP E 35 4.69 11.52 -15.48
C TRP E 35 3.46 11.78 -14.65
N TRP E 36 2.76 12.85 -15.03
CA TRP E 36 1.34 12.97 -14.72
C TRP E 36 0.57 12.82 -16.04
N VAL E 37 -0.48 12.00 -16.01
CA VAL E 37 -1.34 11.76 -17.16
C VAL E 37 -2.77 11.88 -16.64
N ARG E 38 -3.62 12.59 -17.38
CA ARG E 38 -4.99 12.77 -16.93
C ARG E 38 -6.02 12.26 -17.92
N GLN E 39 -7.22 12.01 -17.41
CA GLN E 39 -8.31 11.50 -18.23
C GLN E 39 -9.59 12.17 -17.81
N ALA E 40 -10.13 13.02 -18.67
CA ALA E 40 -11.41 13.63 -18.41
C ALA E 40 -12.50 12.56 -18.58
N PRO E 41 -13.67 12.76 -17.94
CA PRO E 41 -14.67 11.68 -17.92
C PRO E 41 -15.14 11.30 -19.33
N GLY E 42 -15.03 10.01 -19.65
CA GLY E 42 -15.43 9.50 -20.97
C GLY E 42 -14.51 9.92 -22.11
N LYS E 43 -13.28 10.31 -21.78
CA LYS E 43 -12.31 10.78 -22.78
C LYS E 43 -11.01 9.98 -22.68
N GLY E 44 -10.05 10.31 -23.55
CA GLY E 44 -8.79 9.57 -23.65
C GLY E 44 -7.73 10.03 -22.66
N LEU E 45 -6.59 9.36 -22.70
CA LEU E 45 -5.50 9.66 -21.77
C LEU E 45 -4.64 10.78 -22.34
N GLU E 46 -4.41 11.81 -21.53
CA GLU E 46 -3.62 12.97 -21.96
C GLU E 46 -2.45 13.18 -21.01
N TRP E 47 -1.22 13.05 -21.49
CA TRP E 47 -0.07 13.38 -20.64
C TRP E 47 -0.02 14.90 -20.51
N VAL E 48 0.20 15.39 -19.30
CA VAL E 48 0.26 16.82 -19.06
C VAL E 48 1.65 17.28 -18.64
N SER E 49 2.44 16.38 -18.07
CA SER E 49 3.77 16.76 -17.59
C SER E 49 4.66 15.55 -17.32
N TYR E 50 5.97 15.77 -17.47
CA TYR E 50 6.97 14.83 -16.98
C TYR E 50 8.26 15.49 -16.52
N ILE E 51 9.05 14.70 -15.78
CA ILE E 51 10.23 15.16 -15.08
C ILE E 51 11.31 14.09 -15.16
N TRP E 52 12.53 14.53 -15.51
CA TRP E 52 13.70 13.66 -15.55
C TRP E 52 14.05 13.15 -14.15
N PRO E 53 14.80 12.04 -14.05
CA PRO E 53 15.16 11.40 -12.78
C PRO E 53 15.76 12.34 -11.74
N SER E 54 16.76 13.13 -12.14
CA SER E 54 17.38 14.10 -11.24
C SER E 54 16.40 15.21 -10.83
N GLY E 55 15.45 15.52 -11.71
CA GLY E 55 14.42 16.49 -11.40
C GLY E 55 14.71 17.89 -11.93
N GLY E 56 15.82 18.03 -12.66
CA GLY E 56 16.14 19.28 -13.30
C GLY E 56 15.12 19.55 -14.39
N ASN E 57 15.26 18.85 -15.52
CA ASN E 57 14.42 19.09 -16.68
C ASN E 57 12.96 18.71 -16.44
N THR E 58 12.07 19.63 -16.77
CA THR E 58 10.62 19.41 -16.69
C THR E 58 9.95 19.77 -18.01
N TYR E 59 8.78 19.19 -18.26
CA TYR E 59 8.08 19.33 -19.55
C TYR E 59 6.58 19.35 -19.33
N TYR E 60 5.87 20.05 -20.22
CA TYR E 60 4.45 20.32 -20.03
C TYR E 60 3.71 20.30 -21.36
N ALA E 61 2.53 19.70 -21.35
CA ALA E 61 1.58 19.85 -22.43
C ALA E 61 1.16 21.32 -22.56
N ASP E 62 0.98 21.80 -23.78
CA ASP E 62 0.56 23.17 -24.02
C ASP E 62 -0.74 23.52 -23.30
N SER E 63 -1.59 22.52 -23.05
CA SER E 63 -2.83 22.75 -22.31
C SER E 63 -2.59 23.24 -20.87
N VAL E 64 -1.42 22.94 -20.30
CA VAL E 64 -1.13 23.24 -18.89
C VAL E 64 0.11 24.11 -18.64
N LYS E 65 0.81 24.50 -19.70
CA LYS E 65 2.06 25.23 -19.56
C LYS E 65 1.82 26.59 -18.92
N GLY E 66 2.69 26.95 -17.98
CA GLY E 66 2.54 28.17 -17.20
C GLY E 66 1.66 28.04 -15.96
N ARG E 67 0.86 26.99 -15.87
CA ARG E 67 -0.12 26.88 -14.78
C ARG E 67 0.20 25.76 -13.80
N PHE E 68 0.75 24.66 -14.31
CA PHE E 68 1.08 23.50 -13.50
C PHE E 68 2.59 23.44 -13.30
N THR E 69 3.03 22.89 -12.17
CA THR E 69 4.45 22.65 -11.94
C THR E 69 4.69 21.26 -11.35
N ILE E 70 5.48 20.46 -12.08
CA ILE E 70 5.87 19.12 -11.64
C ILE E 70 7.17 19.22 -10.83
N SER E 71 7.28 18.39 -9.80
CA SER E 71 8.50 18.28 -9.02
C SER E 71 8.58 16.91 -8.35
N ARG E 72 9.72 16.61 -7.76
CA ARG E 72 9.93 15.31 -7.16
C ARG E 72 10.89 15.43 -6.00
N ASP E 73 10.76 14.51 -5.05
CA ASP E 73 11.66 14.39 -3.90
C ASP E 73 12.17 12.96 -3.91
N ASN E 74 13.34 12.77 -4.51
CA ASN E 74 13.93 11.45 -4.60
C ASN E 74 14.29 10.87 -3.23
N SER E 75 14.48 11.72 -2.23
CA SER E 75 14.77 11.25 -0.87
C SER E 75 13.57 10.57 -0.21
N LYS E 76 12.36 11.05 -0.48
CA LYS E 76 11.11 10.41 -0.01
C LYS E 76 10.42 9.58 -1.10
N ASN E 77 11.05 9.49 -2.26
CA ASN E 77 10.43 8.86 -3.45
C ASN E 77 9.01 9.35 -3.75
N THR E 78 8.85 10.66 -3.77
CA THR E 78 7.54 11.27 -4.00
C THR E 78 7.58 12.18 -5.23
N LEU E 79 6.47 12.19 -5.96
CA LEU E 79 6.26 13.02 -7.14
C LEU E 79 5.12 13.99 -6.83
N TYR E 80 5.21 15.22 -7.33
CA TYR E 80 4.23 16.27 -7.04
C TYR E 80 3.75 17.00 -8.29
N LEU E 81 2.52 17.51 -8.21
CA LEU E 81 1.99 18.41 -9.23
C LEU E 81 1.26 19.59 -8.57
N GLN E 82 1.85 20.77 -8.69
CA GLN E 82 1.18 22.01 -8.30
C GLN E 82 0.35 22.50 -9.47
N MET E 83 -0.97 22.53 -9.30
CA MET E 83 -1.86 23.05 -10.31
C MET E 83 -2.32 24.42 -9.84
N ASN E 84 -2.10 25.45 -10.66
CA ASN E 84 -2.59 26.79 -10.37
C ASN E 84 -3.53 27.27 -11.47
N SER E 85 -4.24 28.37 -11.20
CA SER E 85 -5.16 28.97 -12.18
C SER E 85 -6.10 27.92 -12.81
N LEU E 86 -6.70 27.08 -11.97
CA LEU E 86 -7.42 25.91 -12.49
C LEU E 86 -8.68 26.28 -13.30
N ARG E 87 -8.87 25.59 -14.42
CA ARG E 87 -10.02 25.79 -15.30
C ARG E 87 -10.93 24.58 -15.24
N ALA E 88 -12.17 24.78 -15.71
CA ALA E 88 -13.15 23.71 -15.81
C ALA E 88 -12.60 22.53 -16.63
N GLU E 89 -11.83 22.84 -17.67
CA GLU E 89 -11.32 21.83 -18.58
C GLU E 89 -10.27 20.92 -17.94
N ASP E 90 -9.77 21.29 -16.76
CA ASP E 90 -8.79 20.49 -16.03
C ASP E 90 -9.44 19.39 -15.20
N THR E 91 -10.77 19.40 -15.12
CA THR E 91 -11.49 18.34 -14.43
C THR E 91 -11.19 17.01 -15.10
N ALA E 92 -10.60 16.09 -14.33
CA ALA E 92 -10.19 14.78 -14.84
C ALA E 92 -9.73 13.90 -13.69
N VAL E 93 -9.54 12.62 -13.96
CA VAL E 93 -8.75 11.76 -13.09
C VAL E 93 -7.27 11.98 -13.44
N TYR E 94 -6.46 12.17 -12.40
CA TYR E 94 -5.03 12.37 -12.57
C TYR E 94 -4.26 11.15 -12.10
N TYR E 95 -3.47 10.60 -13.02
CA TYR E 95 -2.57 9.48 -12.75
C TYR E 95 -1.11 9.93 -12.76
N CYS E 96 -0.29 9.35 -11.88
CA CYS E 96 1.15 9.34 -12.07
C CYS E 96 1.56 8.01 -12.73
N ALA E 97 2.62 8.07 -13.50
CA ALA E 97 3.15 6.90 -14.15
C ALA E 97 4.66 7.03 -14.35
N SER E 98 5.32 5.89 -14.38
CA SER E 98 6.75 5.81 -14.65
C SER E 98 7.02 5.47 -16.11
N SER E 99 8.19 5.91 -16.57
CA SER E 99 8.68 5.51 -17.88
C SER E 99 9.17 4.08 -17.89
N TYR E 100 8.71 3.30 -18.86
CA TYR E 100 9.27 2.00 -19.13
C TYR E 100 10.73 2.19 -19.54
N ASP E 101 11.60 1.30 -19.05
CA ASP E 101 13.05 1.32 -19.35
C ASP E 101 13.72 2.65 -18.98
N PHE E 102 13.26 3.20 -17.84
CA PHE E 102 13.78 4.45 -17.23
C PHE E 102 13.29 5.73 -17.93
N TRP E 103 13.45 5.84 -19.25
CA TRP E 103 13.06 7.08 -19.96
C TRP E 103 12.56 6.89 -21.38
N SER E 104 11.97 5.74 -21.66
CA SER E 104 11.22 5.57 -22.89
C SER E 104 9.94 6.41 -22.82
N ASN E 105 9.20 6.44 -23.92
CA ASN E 105 7.90 7.13 -23.98
C ASN E 105 6.73 6.13 -23.91
N ALA E 106 7.04 4.94 -23.37
CA ALA E 106 6.03 3.97 -22.96
C ALA E 106 5.90 4.01 -21.44
N PHE E 107 4.71 3.68 -20.95
CA PHE E 107 4.43 3.75 -19.52
C PHE E 107 4.55 2.39 -18.87
N ASP E 108 5.18 2.36 -17.70
CA ASP E 108 5.42 1.11 -16.98
C ASP E 108 4.38 0.88 -15.86
N ILE E 109 4.47 1.67 -14.80
CA ILE E 109 3.62 1.51 -13.62
C ILE E 109 2.73 2.74 -13.52
N TRP E 110 1.49 2.52 -13.10
CA TRP E 110 0.47 3.55 -13.01
C TRP E 110 -0.04 3.58 -11.59
N GLY E 111 -0.38 4.77 -11.11
CA GLY E 111 -1.04 4.91 -9.82
C GLY E 111 -2.52 4.54 -9.93
N GLN E 112 -3.25 4.68 -8.83
CA GLN E 112 -4.66 4.29 -8.81
C GLN E 112 -5.57 5.40 -9.37
N GLY E 113 -5.03 6.62 -9.42
CA GLY E 113 -5.73 7.78 -9.93
C GLY E 113 -6.34 8.61 -8.81
N THR E 114 -6.42 9.92 -9.03
CA THR E 114 -7.10 10.82 -8.10
C THR E 114 -7.95 11.85 -8.86
N MET E 115 -9.21 11.98 -8.45
CA MET E 115 -10.18 12.81 -9.15
C MET E 115 -10.02 14.26 -8.75
N VAL E 116 -10.01 15.13 -9.76
CA VAL E 116 -9.99 16.58 -9.56
C VAL E 116 -11.22 17.14 -10.25
N THR E 117 -12.00 17.94 -9.52
CA THR E 117 -13.17 18.62 -10.07
C THR E 117 -13.01 20.13 -9.92
N VAL E 118 -13.03 20.84 -11.05
CA VAL E 118 -12.99 22.30 -11.06
C VAL E 118 -14.38 22.84 -11.41
N SER E 119 -15.04 23.43 -10.41
CA SER E 119 -16.38 23.96 -10.59
C SER E 119 -16.68 25.00 -9.52
N SER E 120 -17.35 26.09 -9.93
CA SER E 120 -17.71 27.17 -9.01
C SER E 120 -18.90 26.81 -8.12
N ALA E 121 -19.62 25.75 -8.50
CA ALA E 121 -20.70 25.21 -7.67
C ALA E 121 -20.15 24.67 -6.35
N SER E 122 -20.98 24.70 -5.31
CA SER E 122 -20.54 24.31 -3.98
C SER E 122 -21.02 22.92 -3.63
N THR E 123 -20.29 22.28 -2.73
CA THR E 123 -20.58 20.91 -2.35
C THR E 123 -21.93 20.86 -1.64
N LYS E 124 -22.62 19.75 -1.81
CA LYS E 124 -23.95 19.55 -1.22
C LYS E 124 -24.18 18.06 -1.03
N GLY E 125 -24.56 17.68 0.18
CA GLY E 125 -24.85 16.28 0.48
C GLY E 125 -26.21 15.90 -0.08
N PRO E 126 -26.42 14.60 -0.32
CA PRO E 126 -27.65 14.13 -0.94
C PRO E 126 -28.82 13.98 0.05
N SER E 127 -30.03 13.94 -0.50
CA SER E 127 -31.20 13.46 0.22
C SER E 127 -31.44 12.02 -0.23
N VAL E 128 -31.84 11.17 0.71
CA VAL E 128 -31.99 9.74 0.46
C VAL E 128 -33.42 9.26 0.74
N PHE E 129 -34.03 8.67 -0.28
CA PHE E 129 -35.42 8.22 -0.21
C PHE E 129 -35.49 6.73 -0.51
N PRO E 130 -36.42 6.02 0.17
CA PRO E 130 -36.57 4.60 -0.08
C PRO E 130 -37.32 4.31 -1.37
N LEU E 131 -36.90 3.26 -2.07
CA LEU E 131 -37.66 2.67 -3.15
C LEU E 131 -38.22 1.39 -2.55
N ALA E 132 -39.44 1.49 -2.02
CA ALA E 132 -40.01 0.43 -1.18
C ALA E 132 -40.43 -0.79 -2.00
N PRO E 133 -40.33 -2.00 -1.40
CA PRO E 133 -40.72 -3.22 -2.12
C PRO E 133 -42.20 -3.35 -2.47
N SER E 137 -43.86 -10.31 1.25
CA SER E 137 -43.53 -10.94 2.53
C SER E 137 -44.27 -12.27 2.68
N THR E 138 -45.57 -12.25 2.45
CA THR E 138 -46.38 -13.48 2.36
C THR E 138 -46.28 -14.11 0.95
N SER E 139 -45.57 -13.44 0.05
CA SER E 139 -45.24 -13.97 -1.28
C SER E 139 -43.89 -14.69 -1.28
N GLU E 140 -43.64 -15.47 -2.32
CA GLU E 140 -42.54 -16.44 -2.38
C GLU E 140 -41.52 -16.27 -3.51
N SER E 141 -41.64 -15.21 -4.30
CA SER E 141 -40.70 -14.94 -5.40
C SER E 141 -39.60 -13.95 -4.94
N THR E 142 -38.96 -13.25 -5.87
CA THR E 142 -38.01 -12.21 -5.50
C THR E 142 -38.62 -10.81 -5.58
N ALA E 143 -38.22 -9.97 -4.63
CA ALA E 143 -38.66 -8.60 -4.53
C ALA E 143 -37.48 -7.69 -4.83
N ALA E 144 -37.76 -6.48 -5.31
CA ALA E 144 -36.75 -5.47 -5.54
C ALA E 144 -37.05 -4.28 -4.63
N LEU E 145 -35.99 -3.63 -4.17
CA LEU E 145 -36.11 -2.45 -3.33
C LEU E 145 -34.86 -1.62 -3.52
N GLY E 146 -34.86 -0.38 -3.04
CA GLY E 146 -33.69 0.45 -3.21
C GLY E 146 -33.65 1.75 -2.46
N CYS E 147 -32.65 2.56 -2.80
CA CYS E 147 -32.56 3.93 -2.33
C CYS E 147 -32.34 4.88 -3.50
N LEU E 148 -33.11 5.96 -3.51
CA LEU E 148 -32.88 7.08 -4.41
C LEU E 148 -31.97 8.08 -3.70
N VAL E 149 -30.78 8.30 -4.25
CA VAL E 149 -29.83 9.25 -3.68
C VAL E 149 -29.86 10.52 -4.52
N LYS E 150 -30.48 11.57 -3.98
CA LYS E 150 -30.83 12.73 -4.81
C LYS E 150 -30.11 14.03 -4.44
N ASP E 151 -29.84 14.83 -5.48
CA ASP E 151 -29.41 16.21 -5.37
C ASP E 151 -28.14 16.42 -4.55
N TYR E 152 -27.02 15.91 -5.06
CA TYR E 152 -25.72 16.10 -4.41
C TYR E 152 -24.68 16.64 -5.38
N PHE E 153 -23.64 17.26 -4.82
CA PHE E 153 -22.50 17.74 -5.60
C PHE E 153 -21.27 17.88 -4.71
N PRO E 154 -20.07 17.51 -5.22
CA PRO E 154 -19.81 16.85 -6.49
C PRO E 154 -19.94 15.34 -6.36
N GLU E 155 -19.58 14.64 -7.43
CA GLU E 155 -19.37 13.20 -7.36
C GLU E 155 -18.09 12.94 -6.55
N PRO E 156 -17.93 11.72 -6.01
CA PRO E 156 -18.86 10.61 -6.03
C PRO E 156 -19.62 10.44 -4.72
N VAL E 157 -20.62 9.56 -4.75
CA VAL E 157 -21.21 9.02 -3.54
C VAL E 157 -21.03 7.50 -3.61
N THR E 158 -20.81 6.86 -2.47
CA THR E 158 -20.75 5.41 -2.41
C THR E 158 -22.00 4.88 -1.72
N VAL E 159 -22.49 3.73 -2.17
CA VAL E 159 -23.63 3.08 -1.58
C VAL E 159 -23.32 1.62 -1.30
N SER E 160 -23.62 1.17 -0.09
CA SER E 160 -23.56 -0.26 0.26
C SER E 160 -24.85 -0.68 0.94
N TRP E 161 -25.06 -1.99 1.04
CA TRP E 161 -26.25 -2.53 1.69
C TRP E 161 -25.89 -3.37 2.91
N ASN E 162 -26.64 -3.16 3.99
CA ASN E 162 -26.40 -3.85 5.26
C ASN E 162 -24.92 -3.81 5.62
N SER E 163 -24.36 -2.60 5.56
CA SER E 163 -22.96 -2.33 5.89
C SER E 163 -21.97 -3.16 5.06
N GLY E 164 -22.28 -3.36 3.79
CA GLY E 164 -21.38 -4.12 2.92
C GLY E 164 -21.54 -5.63 2.99
N ALA E 165 -22.37 -6.11 3.91
CA ALA E 165 -22.67 -7.55 3.99
C ALA E 165 -23.45 -8.03 2.76
N LEU E 166 -24.31 -7.17 2.24
CA LEU E 166 -25.16 -7.53 1.10
C LEU E 166 -24.59 -6.92 -0.17
N THR E 167 -23.95 -7.74 -0.99
CA THR E 167 -23.33 -7.31 -2.24
C THR E 167 -23.98 -7.97 -3.47
N SER E 168 -24.36 -9.24 -3.32
CA SER E 168 -24.99 -10.00 -4.41
C SER E 168 -26.35 -9.43 -4.78
N GLY E 169 -26.56 -9.25 -6.08
CA GLY E 169 -27.81 -8.70 -6.61
C GLY E 169 -27.98 -7.19 -6.48
N VAL E 170 -26.94 -6.51 -5.99
CA VAL E 170 -26.98 -5.07 -5.86
C VAL E 170 -26.67 -4.46 -7.23
N HIS E 171 -27.35 -3.38 -7.57
CA HIS E 171 -27.03 -2.58 -8.73
C HIS E 171 -27.09 -1.13 -8.32
N THR E 172 -25.96 -0.44 -8.40
CA THR E 172 -25.91 0.98 -8.16
C THR E 172 -25.63 1.62 -9.50
N PHE E 173 -26.56 2.46 -9.95
CA PHE E 173 -26.50 3.03 -11.28
C PHE E 173 -25.54 4.20 -11.31
N PRO E 174 -25.05 4.56 -12.52
CA PRO E 174 -24.25 5.77 -12.64
C PRO E 174 -25.07 7.00 -12.27
N ALA E 175 -24.40 8.02 -11.71
CA ALA E 175 -25.04 9.29 -11.41
C ALA E 175 -25.41 10.01 -12.70
N VAL E 176 -26.63 10.56 -12.75
CA VAL E 176 -27.03 11.47 -13.83
C VAL E 176 -27.03 12.91 -13.31
N LEU E 177 -26.57 13.82 -14.16
CA LEU E 177 -26.60 15.25 -13.86
C LEU E 177 -27.97 15.81 -14.23
N GLN E 178 -28.61 16.50 -13.29
CA GLN E 178 -29.94 17.07 -13.52
C GLN E 178 -29.83 18.53 -13.94
N SER E 179 -30.91 19.06 -14.51
CA SER E 179 -31.00 20.47 -14.93
C SER E 179 -30.50 21.43 -13.86
N SER E 180 -30.70 21.05 -12.59
CA SER E 180 -30.28 21.85 -11.45
C SER E 180 -28.75 21.92 -11.25
N GLY E 181 -28.02 21.01 -11.89
CA GLY E 181 -26.57 20.92 -11.72
C GLY E 181 -26.19 20.05 -10.54
N LEU E 182 -27.18 19.32 -10.00
CA LEU E 182 -26.94 18.37 -8.93
C LEU E 182 -27.08 16.96 -9.50
N TYR E 183 -26.31 16.03 -8.94
CA TYR E 183 -26.35 14.64 -9.35
C TYR E 183 -27.40 13.88 -8.57
N SER E 184 -27.93 12.82 -9.19
CA SER E 184 -28.71 11.82 -8.48
C SER E 184 -28.47 10.42 -9.05
N LEU E 185 -28.70 9.41 -8.22
CA LEU E 185 -28.65 8.02 -8.64
C LEU E 185 -29.52 7.14 -7.75
N SER E 186 -29.80 5.94 -8.27
CA SER E 186 -30.51 4.91 -7.53
C SER E 186 -29.60 3.69 -7.38
N SER E 187 -29.75 3.02 -6.24
CA SER E 187 -29.13 1.73 -5.99
C SER E 187 -30.25 0.77 -5.63
N VAL E 188 -30.24 -0.41 -6.25
CA VAL E 188 -31.28 -1.38 -6.01
C VAL E 188 -30.68 -2.72 -5.64
N VAL E 189 -31.47 -3.54 -4.97
CA VAL E 189 -31.11 -4.92 -4.69
C VAL E 189 -32.36 -5.78 -4.77
N THR E 190 -32.22 -7.00 -5.29
CA THR E 190 -33.31 -7.96 -5.27
C THR E 190 -33.07 -8.99 -4.17
N VAL E 191 -34.10 -9.27 -3.40
CA VAL E 191 -34.03 -10.20 -2.28
C VAL E 191 -35.26 -11.12 -2.30
N PRO E 192 -35.22 -12.26 -1.57
CA PRO E 192 -36.43 -13.09 -1.49
C PRO E 192 -37.59 -12.34 -0.85
N SER E 193 -38.77 -12.43 -1.47
CA SER E 193 -39.99 -11.80 -0.94
C SER E 193 -40.31 -12.23 0.49
N SER E 194 -40.09 -13.51 0.77
CA SER E 194 -40.27 -14.07 2.12
C SER E 194 -39.46 -13.37 3.22
N SER E 195 -38.35 -12.71 2.86
CA SER E 195 -37.49 -12.06 3.84
C SER E 195 -37.97 -10.68 4.31
N LEU E 196 -38.89 -10.07 3.56
CA LEU E 196 -39.20 -8.64 3.76
C LEU E 196 -39.70 -8.28 5.16
N GLY E 197 -40.30 -9.25 5.85
CA GLY E 197 -40.80 -9.03 7.20
C GLY E 197 -39.83 -9.41 8.31
N THR E 198 -38.76 -10.13 7.98
CA THR E 198 -37.85 -10.67 9.01
C THR E 198 -36.42 -10.13 8.98
N LYS E 199 -35.99 -9.52 7.88
CA LYS E 199 -34.70 -8.84 7.84
C LYS E 199 -34.87 -7.41 7.34
N THR E 200 -34.25 -6.47 8.05
CA THR E 200 -34.23 -5.08 7.64
C THR E 200 -33.10 -4.84 6.62
N TYR E 201 -33.41 -4.08 5.57
CA TYR E 201 -32.46 -3.71 4.55
C TYR E 201 -32.16 -2.22 4.67
N THR E 202 -30.88 -1.92 4.88
CA THR E 202 -30.42 -0.57 5.07
C THR E 202 -29.38 -0.28 3.99
N CYS E 203 -29.61 0.78 3.21
CA CYS E 203 -28.60 1.29 2.30
C CYS E 203 -27.78 2.34 3.06
N ASN E 204 -26.47 2.23 2.94
CA ASN E 204 -25.54 3.11 3.62
C ASN E 204 -24.92 4.04 2.58
N VAL E 205 -25.42 5.27 2.54
CA VAL E 205 -24.94 6.27 1.61
C VAL E 205 -23.84 7.10 2.28
N ASP E 206 -22.77 7.37 1.53
CA ASP E 206 -21.69 8.21 2.03
C ASP E 206 -21.24 9.16 0.93
N HIS E 207 -21.35 10.46 1.21
CA HIS E 207 -20.88 11.51 0.32
C HIS E 207 -19.70 12.19 0.99
N LYS E 208 -18.53 11.57 0.85
CA LYS E 208 -17.32 12.03 1.53
C LYS E 208 -17.03 13.52 1.30
N PRO E 209 -17.26 14.01 0.06
CA PRO E 209 -17.09 15.45 -0.19
C PRO E 209 -17.82 16.38 0.80
N SER E 210 -19.03 16.01 1.20
CA SER E 210 -19.81 16.81 2.15
C SER E 210 -19.79 16.22 3.57
N ASN E 211 -18.85 15.33 3.85
CA ASN E 211 -18.81 14.59 5.12
C ASN E 211 -20.17 14.03 5.54
N THR E 212 -21.00 13.70 4.56
CA THR E 212 -22.37 13.30 4.82
C THR E 212 -22.52 11.79 4.66
N LYS E 213 -22.86 11.12 5.74
CA LYS E 213 -23.21 9.70 5.73
C LYS E 213 -24.67 9.55 6.11
N VAL E 214 -25.37 8.64 5.44
CA VAL E 214 -26.78 8.39 5.69
C VAL E 214 -27.07 6.91 5.65
N ASP E 215 -27.77 6.41 6.67
CA ASP E 215 -28.29 5.03 6.69
C ASP E 215 -29.80 5.07 6.65
N LYS E 216 -30.38 4.47 5.61
CA LYS E 216 -31.82 4.54 5.38
C LYS E 216 -32.43 3.13 5.31
N ARG E 217 -33.26 2.81 6.29
CA ARG E 217 -34.03 1.56 6.27
C ARG E 217 -35.09 1.63 5.20
N VAL E 218 -35.12 0.64 4.32
CA VAL E 218 -36.12 0.56 3.27
C VAL E 218 -37.13 -0.49 3.68
N GLU E 219 -38.20 -0.03 4.33
CA GLU E 219 -39.22 -0.93 4.83
C GLU E 219 -40.41 -1.00 3.87
N SER E 220 -41.13 -2.12 3.92
CA SER E 220 -42.29 -2.33 3.06
C SER E 220 -43.37 -1.31 3.37
N ILE F 3 1.98 12.93 -34.03
CA ILE F 3 1.64 11.54 -34.50
C ILE F 3 0.23 11.14 -34.10
N GLN F 4 -0.63 10.92 -35.09
CA GLN F 4 -2.01 10.50 -34.85
C GLN F 4 -2.16 8.99 -34.95
N MET F 5 -2.80 8.42 -33.93
CA MET F 5 -3.07 6.99 -33.85
C MET F 5 -4.57 6.76 -34.06
N THR F 6 -4.92 6.02 -35.11
CA THR F 6 -6.32 5.73 -35.44
C THR F 6 -6.63 4.30 -35.08
N GLN F 7 -7.43 4.12 -34.04
CA GLN F 7 -7.78 2.80 -33.56
C GLN F 7 -9.12 2.37 -34.17
N SER F 8 -9.33 1.06 -34.28
CA SER F 8 -10.51 0.56 -34.96
C SER F 8 -10.80 -0.91 -34.57
N PRO F 9 -12.09 -1.23 -34.30
CA PRO F 9 -13.23 -0.32 -34.21
C PRO F 9 -13.26 0.41 -32.86
N SER F 10 -14.23 1.32 -32.72
CA SER F 10 -14.49 2.03 -31.46
C SER F 10 -15.06 1.14 -30.38
N SER F 11 -15.90 0.20 -30.79
CA SER F 11 -16.47 -0.78 -29.88
C SER F 11 -16.79 -2.05 -30.63
N LEU F 12 -16.85 -3.16 -29.89
CA LEU F 12 -17.17 -4.44 -30.43
C LEU F 12 -17.79 -5.32 -29.36
N SER F 13 -18.62 -6.24 -29.83
CA SER F 13 -19.33 -7.21 -28.99
C SER F 13 -18.98 -8.61 -29.47
N ALA F 14 -18.50 -9.46 -28.56
CA ALA F 14 -18.13 -10.83 -28.91
C ALA F 14 -18.39 -11.79 -27.75
N SER F 15 -18.75 -13.03 -28.08
CA SER F 15 -19.05 -14.04 -27.09
C SER F 15 -17.79 -14.63 -26.47
N VAL F 16 -17.90 -15.04 -25.21
CA VAL F 16 -16.83 -15.78 -24.55
C VAL F 16 -16.35 -16.89 -25.47
N GLY F 17 -15.03 -17.04 -25.55
CA GLY F 17 -14.44 -18.02 -26.45
C GLY F 17 -14.21 -17.55 -27.87
N ASP F 18 -14.79 -16.42 -28.28
CA ASP F 18 -14.59 -15.91 -29.65
C ASP F 18 -13.21 -15.25 -29.77
N ARG F 19 -12.69 -15.28 -30.99
CA ARG F 19 -11.46 -14.59 -31.34
C ARG F 19 -11.74 -13.13 -31.67
N VAL F 20 -10.97 -12.23 -31.08
CA VAL F 20 -11.20 -10.79 -31.18
C VAL F 20 -9.96 -10.09 -31.75
N THR F 21 -10.20 -9.12 -32.65
CA THR F 21 -9.15 -8.43 -33.38
C THR F 21 -9.40 -6.94 -33.37
N ILE F 22 -8.42 -6.17 -32.89
CA ILE F 22 -8.48 -4.71 -32.82
C ILE F 22 -7.30 -4.12 -33.57
N THR F 23 -7.55 -3.11 -34.41
CA THR F 23 -6.47 -2.54 -35.21
C THR F 23 -6.16 -1.10 -34.83
N CYS F 24 -4.96 -0.68 -35.20
CA CYS F 24 -4.43 0.61 -34.83
C CYS F 24 -3.51 1.08 -35.97
N ARG F 25 -3.78 2.26 -36.50
CA ARG F 25 -3.02 2.80 -37.62
C ARG F 25 -2.35 4.11 -37.18
N ALA F 26 -1.08 4.25 -37.54
CA ALA F 26 -0.30 5.47 -37.26
C ALA F 26 -0.17 6.31 -38.52
N SER F 27 -0.10 7.63 -38.34
CA SER F 27 -0.04 8.58 -39.46
C SER F 27 1.34 8.61 -40.13
N GLN F 28 2.32 7.96 -39.52
CA GLN F 28 3.64 7.80 -40.09
C GLN F 28 4.19 6.46 -39.63
N SER F 29 5.29 6.02 -40.22
CA SER F 29 5.93 4.82 -39.73
C SER F 29 6.51 5.10 -38.34
N ILE F 30 6.23 4.19 -37.41
CA ILE F 30 6.74 4.29 -36.03
C ILE F 30 7.52 3.01 -35.66
N GLY F 31 8.01 2.31 -36.68
CA GLY F 31 8.66 1.02 -36.49
C GLY F 31 7.83 0.12 -35.59
N SER F 32 8.37 -0.15 -34.40
CA SER F 32 7.77 -1.07 -33.44
C SER F 32 7.50 -0.37 -32.12
N TYR F 33 7.59 0.96 -32.11
CA TYR F 33 7.36 1.74 -30.88
C TYR F 33 5.85 1.84 -30.62
N LEU F 34 5.20 0.69 -30.47
CA LEU F 34 3.74 0.65 -30.36
C LEU F 34 3.32 -0.29 -29.25
N ASN F 35 2.51 0.24 -28.32
CA ASN F 35 2.17 -0.45 -27.09
C ASN F 35 0.66 -0.52 -26.91
N TRP F 36 0.20 -1.51 -26.13
CA TRP F 36 -1.23 -1.74 -25.87
C TRP F 36 -1.49 -1.78 -24.36
N TYR F 37 -2.53 -1.06 -23.94
CA TYR F 37 -2.97 -1.04 -22.55
C TYR F 37 -4.42 -1.49 -22.47
N GLN F 38 -4.75 -2.07 -21.33
CA GLN F 38 -6.12 -2.42 -20.98
C GLN F 38 -6.55 -1.51 -19.85
N GLN F 39 -7.77 -0.96 -19.94
CA GLN F 39 -8.32 -0.17 -18.86
C GLN F 39 -9.74 -0.60 -18.51
N LYS F 40 -9.90 -1.16 -17.33
CA LYS F 40 -11.22 -1.50 -16.81
C LYS F 40 -11.82 -0.27 -16.10
N THR F 41 -13.12 -0.27 -15.89
CA THR F 41 -13.84 0.87 -15.30
C THR F 41 -13.31 1.22 -13.92
N GLY F 42 -13.10 2.51 -13.67
CA GLY F 42 -12.59 3.00 -12.38
C GLY F 42 -11.21 2.45 -12.02
N LYS F 43 -10.41 2.13 -13.04
CA LYS F 43 -9.09 1.55 -12.81
C LYS F 43 -8.08 2.24 -13.70
N ALA F 44 -6.81 2.12 -13.32
CA ALA F 44 -5.74 2.63 -14.12
C ALA F 44 -5.50 1.74 -15.32
N PRO F 45 -4.85 2.29 -16.35
CA PRO F 45 -4.42 1.44 -17.44
C PRO F 45 -3.39 0.41 -16.99
N LYS F 46 -3.26 -0.66 -17.76
CA LYS F 46 -2.31 -1.72 -17.47
C LYS F 46 -1.69 -2.16 -18.78
N ALA F 47 -0.37 -2.25 -18.81
CA ALA F 47 0.35 -2.64 -20.05
C ALA F 47 0.08 -4.12 -20.36
N LEU F 48 -0.32 -4.38 -21.60
CA LEU F 48 -0.48 -5.74 -22.09
C LEU F 48 0.71 -6.12 -22.94
N ILE F 49 1.04 -5.23 -23.87
CA ILE F 49 2.06 -5.48 -24.90
C ILE F 49 2.94 -4.25 -25.03
N TYR F 50 4.26 -4.47 -25.03
CA TYR F 50 5.22 -3.45 -25.43
C TYR F 50 5.86 -3.83 -26.76
N ALA F 51 6.32 -2.84 -27.51
CA ALA F 51 7.18 -3.10 -28.67
C ALA F 51 6.44 -3.93 -29.74
N ALA F 52 5.14 -3.66 -29.88
CA ALA F 52 4.31 -4.26 -30.94
C ALA F 52 3.84 -5.70 -30.65
N SER F 53 4.75 -6.56 -30.22
CA SER F 53 4.47 -7.98 -30.08
C SER F 53 4.88 -8.62 -28.76
N SER F 54 5.47 -7.86 -27.83
CA SER F 54 6.03 -8.43 -26.61
C SER F 54 5.04 -8.42 -25.43
N LEU F 55 4.47 -9.58 -25.14
CA LEU F 55 3.53 -9.75 -24.06
C LEU F 55 4.24 -9.61 -22.71
N GLN F 56 3.65 -8.84 -21.81
CA GLN F 56 4.27 -8.61 -20.50
C GLN F 56 3.92 -9.69 -19.50
N SER F 57 4.84 -9.94 -18.57
CA SER F 57 4.67 -11.01 -17.60
C SER F 57 3.41 -10.74 -16.79
N GLY F 58 2.72 -11.82 -16.44
CA GLY F 58 1.44 -11.75 -15.75
C GLY F 58 0.27 -11.69 -16.72
N VAL F 59 0.47 -11.10 -17.90
CA VAL F 59 -0.64 -10.99 -18.86
C VAL F 59 -0.95 -12.34 -19.51
N PRO F 60 -2.24 -12.73 -19.52
CA PRO F 60 -2.63 -14.03 -20.06
C PRO F 60 -2.20 -14.20 -21.51
N SER F 61 -1.83 -15.42 -21.87
CA SER F 61 -1.23 -15.72 -23.17
C SER F 61 -2.21 -15.64 -24.33
N ARG F 62 -3.50 -15.46 -24.04
CA ARG F 62 -4.50 -15.26 -25.10
C ARG F 62 -4.35 -13.92 -25.80
N PHE F 63 -3.64 -12.98 -25.18
CA PHE F 63 -3.36 -11.67 -25.76
C PHE F 63 -2.11 -11.73 -26.61
N SER F 64 -2.18 -11.12 -27.79
CA SER F 64 -1.01 -11.03 -28.67
C SER F 64 -1.06 -9.75 -29.51
N GLY F 65 0.11 -9.29 -29.91
CA GLY F 65 0.20 -8.08 -30.70
C GLY F 65 1.06 -8.36 -31.90
N SER F 66 0.73 -7.71 -33.02
CA SER F 66 1.54 -7.79 -34.22
C SER F 66 1.58 -6.46 -34.96
N GLY F 67 2.50 -6.37 -35.92
CA GLY F 67 2.58 -5.22 -36.82
C GLY F 67 3.90 -4.50 -36.72
N SER F 68 4.21 -3.72 -37.74
CA SER F 68 5.29 -2.75 -37.67
C SER F 68 5.06 -1.70 -38.74
N GLY F 69 5.68 -0.53 -38.55
CA GLY F 69 5.53 0.58 -39.48
C GLY F 69 4.32 1.43 -39.13
N THR F 70 3.24 1.19 -39.86
CA THR F 70 2.02 1.99 -39.77
C THR F 70 0.82 1.24 -39.18
N ASP F 71 0.74 -0.08 -39.39
CA ASP F 71 -0.45 -0.86 -39.08
C ASP F 71 -0.17 -1.94 -38.05
N PHE F 72 -1.00 -1.98 -37.01
CA PHE F 72 -0.80 -2.89 -35.87
C PHE F 72 -2.11 -3.55 -35.46
N THR F 73 -2.00 -4.68 -34.78
CA THR F 73 -3.16 -5.48 -34.39
C THR F 73 -2.97 -6.11 -33.01
N LEU F 74 -3.98 -5.96 -32.16
CA LEU F 74 -4.09 -6.67 -30.88
C LEU F 74 -5.08 -7.82 -31.05
N THR F 75 -4.67 -9.04 -30.71
CA THR F 75 -5.59 -10.18 -30.79
C THR F 75 -5.85 -10.80 -29.41
N ILE F 76 -7.11 -11.13 -29.17
CA ILE F 76 -7.50 -11.97 -28.02
C ILE F 76 -7.98 -13.29 -28.62
N SER F 77 -7.23 -14.36 -28.40
CA SER F 77 -7.46 -15.62 -29.11
C SER F 77 -8.76 -16.27 -28.66
N SER F 78 -9.11 -16.09 -27.39
CA SER F 78 -10.34 -16.61 -26.84
C SER F 78 -10.85 -15.65 -25.77
N LEU F 79 -11.86 -14.85 -26.11
CA LEU F 79 -12.33 -13.78 -25.23
C LEU F 79 -12.91 -14.37 -23.94
N GLN F 80 -12.52 -13.82 -22.79
CA GLN F 80 -13.05 -14.25 -21.49
C GLN F 80 -13.81 -13.13 -20.80
N LEU F 81 -14.64 -13.48 -19.83
CA LEU F 81 -15.38 -12.48 -19.04
C LEU F 81 -14.50 -11.36 -18.50
N GLU F 82 -13.34 -11.72 -17.96
CA GLU F 82 -12.33 -10.75 -17.48
C GLU F 82 -11.90 -9.69 -18.50
N ASP F 83 -12.06 -9.98 -19.78
CA ASP F 83 -11.51 -9.12 -20.84
C ASP F 83 -12.40 -7.91 -21.19
N PHE F 84 -13.56 -7.83 -20.53
CA PHE F 84 -14.47 -6.69 -20.64
C PHE F 84 -13.75 -5.42 -20.18
N ALA F 85 -13.51 -4.50 -21.12
CA ALA F 85 -12.60 -3.38 -20.86
C ALA F 85 -12.44 -2.50 -22.09
N THR F 86 -11.77 -1.38 -21.90
CA THR F 86 -11.31 -0.52 -23.00
C THR F 86 -9.84 -0.79 -23.28
N TYR F 87 -9.49 -0.89 -24.56
CA TYR F 87 -8.14 -1.18 -25.00
C TYR F 87 -7.63 0.00 -25.80
N TYR F 88 -6.40 0.42 -25.49
CA TYR F 88 -5.75 1.55 -26.16
C TYR F 88 -4.42 1.14 -26.76
N CYS F 89 -4.17 1.55 -28.01
CA CYS F 89 -2.80 1.54 -28.52
C CYS F 89 -2.15 2.87 -28.15
N GLN F 90 -0.82 2.87 -28.09
CA GLN F 90 -0.04 4.03 -27.66
C GLN F 90 1.30 4.00 -28.34
N GLN F 91 1.59 5.00 -29.17
CA GLN F 91 2.89 5.10 -29.81
C GLN F 91 3.88 5.71 -28.84
N SER F 92 5.05 5.07 -28.73
CA SER F 92 6.18 5.55 -27.93
C SER F 92 7.34 6.04 -28.82
N TYR F 93 7.03 6.40 -30.08
CA TYR F 93 8.04 6.82 -31.05
C TYR F 93 8.58 8.17 -30.65
N SER F 94 7.68 9.12 -30.39
CA SER F 94 8.03 10.37 -29.74
C SER F 94 7.22 10.45 -28.45
N THR F 95 7.06 11.65 -27.91
CA THR F 95 6.26 11.83 -26.70
C THR F 95 4.87 11.22 -26.92
N PRO F 96 4.33 10.51 -25.91
CA PRO F 96 3.19 9.59 -26.07
C PRO F 96 1.93 10.15 -26.75
N SER F 97 1.34 9.37 -27.65
CA SER F 97 -0.03 9.64 -28.11
C SER F 97 -0.80 8.33 -28.19
N PHE F 98 -2.09 8.43 -27.94
CA PHE F 98 -2.96 7.26 -27.80
C PHE F 98 -3.96 7.22 -28.94
N GLY F 99 -4.37 6.01 -29.30
CA GLY F 99 -5.55 5.81 -30.11
C GLY F 99 -6.78 6.13 -29.28
N GLN F 100 -7.91 6.31 -29.97
CA GLN F 100 -9.19 6.67 -29.34
C GLN F 100 -9.76 5.62 -28.37
N GLY F 101 -9.29 4.38 -28.48
CA GLY F 101 -9.77 3.30 -27.63
C GLY F 101 -10.80 2.42 -28.31
N THR F 102 -10.83 1.16 -27.88
CA THR F 102 -11.86 0.20 -28.30
C THR F 102 -12.52 -0.43 -27.08
N LYS F 103 -13.84 -0.26 -27.00
CA LYS F 103 -14.61 -0.80 -25.88
C LYS F 103 -15.11 -2.20 -26.24
N VAL F 104 -14.64 -3.22 -25.52
CA VAL F 104 -15.07 -4.59 -25.74
C VAL F 104 -16.20 -4.95 -24.78
N GLU F 105 -17.34 -5.34 -25.35
CA GLU F 105 -18.47 -5.85 -24.56
C GLU F 105 -18.61 -7.35 -24.81
N ILE F 106 -19.17 -8.04 -23.82
CA ILE F 106 -19.40 -9.48 -23.93
C ILE F 106 -20.78 -9.77 -24.53
N LYS F 107 -20.80 -10.44 -25.67
CA LYS F 107 -22.04 -10.90 -26.28
C LYS F 107 -22.52 -12.16 -25.56
N ARG F 108 -23.78 -12.19 -25.17
CA ARG F 108 -24.38 -13.35 -24.52
C ARG F 108 -25.73 -13.65 -25.16
N THR F 109 -26.39 -14.71 -24.69
CA THR F 109 -27.73 -15.02 -25.16
C THR F 109 -28.72 -13.96 -24.68
N VAL F 110 -29.82 -13.79 -25.40
CA VAL F 110 -30.81 -12.77 -25.07
C VAL F 110 -31.49 -13.08 -23.73
N ALA F 111 -31.71 -12.05 -22.93
CA ALA F 111 -32.30 -12.21 -21.61
C ALA F 111 -33.32 -11.13 -21.39
N ALA F 112 -34.57 -11.51 -21.13
CA ALA F 112 -35.64 -10.55 -20.87
C ALA F 112 -35.41 -9.87 -19.52
N PRO F 113 -35.78 -8.57 -19.42
CA PRO F 113 -35.72 -7.94 -18.10
C PRO F 113 -36.87 -8.37 -17.21
N SER F 114 -36.63 -8.34 -15.91
CA SER F 114 -37.72 -8.27 -14.91
C SER F 114 -37.97 -6.80 -14.59
N VAL F 115 -39.23 -6.42 -14.53
CA VAL F 115 -39.61 -5.02 -14.37
C VAL F 115 -40.27 -4.77 -13.03
N PHE F 116 -39.93 -3.63 -12.43
CA PHE F 116 -40.48 -3.21 -11.14
C PHE F 116 -40.74 -1.73 -11.20
N ILE F 117 -41.82 -1.28 -10.56
CA ILE F 117 -42.15 0.14 -10.45
C ILE F 117 -42.11 0.56 -8.98
N PHE F 118 -41.73 1.82 -8.74
CA PHE F 118 -41.58 2.34 -7.39
C PHE F 118 -42.26 3.69 -7.27
N PRO F 119 -43.31 3.78 -6.42
CA PRO F 119 -43.91 5.09 -6.21
C PRO F 119 -42.96 6.02 -5.46
N PRO F 120 -43.19 7.34 -5.55
CA PRO F 120 -42.42 8.28 -4.74
C PRO F 120 -42.72 8.08 -3.26
N SER F 121 -41.72 8.29 -2.41
CA SER F 121 -41.88 8.11 -0.98
C SER F 121 -42.65 9.28 -0.37
N ASP F 122 -43.28 9.03 0.78
CA ASP F 122 -43.95 10.10 1.51
C ASP F 122 -42.95 11.17 1.93
N GLU F 123 -41.73 10.75 2.24
CA GLU F 123 -40.66 11.68 2.65
C GLU F 123 -40.31 12.67 1.55
N GLN F 124 -40.12 12.17 0.32
CA GLN F 124 -39.81 13.04 -0.82
C GLN F 124 -40.98 13.98 -1.10
N LEU F 125 -42.19 13.47 -0.91
CA LEU F 125 -43.40 14.26 -1.09
C LEU F 125 -43.56 15.41 -0.09
N LYS F 126 -42.85 15.36 1.04
CA LYS F 126 -42.83 16.50 1.97
C LYS F 126 -42.34 17.76 1.27
N SER F 127 -41.29 17.61 0.46
CA SER F 127 -40.86 18.68 -0.45
C SER F 127 -41.69 18.62 -1.73
N GLY F 128 -41.55 19.64 -2.57
CA GLY F 128 -42.37 19.76 -3.79
C GLY F 128 -41.86 18.89 -4.91
N THR F 129 -41.65 17.61 -4.63
CA THR F 129 -40.83 16.76 -5.47
C THR F 129 -41.35 15.32 -5.49
N ALA F 130 -41.44 14.75 -6.70
CA ALA F 130 -41.90 13.39 -6.89
C ALA F 130 -41.06 12.69 -7.96
N SER F 131 -40.39 11.62 -7.56
CA SER F 131 -39.68 10.75 -8.49
C SER F 131 -40.34 9.38 -8.49
N VAL F 132 -40.63 8.85 -9.68
CA VAL F 132 -41.20 7.52 -9.84
C VAL F 132 -40.19 6.69 -10.62
N VAL F 133 -39.78 5.56 -10.07
CA VAL F 133 -38.69 4.77 -10.65
C VAL F 133 -39.17 3.44 -11.26
N CYS F 134 -38.77 3.22 -12.50
CA CYS F 134 -38.99 1.96 -13.18
C CYS F 134 -37.63 1.28 -13.29
N LEU F 135 -37.59 0.00 -12.92
CA LEU F 135 -36.36 -0.79 -12.92
C LEU F 135 -36.52 -1.93 -13.90
N LEU F 136 -35.57 -2.07 -14.82
CA LEU F 136 -35.43 -3.27 -15.65
C LEU F 136 -34.19 -4.00 -15.16
N ASN F 137 -34.37 -5.23 -14.71
CA ASN F 137 -33.26 -5.96 -14.07
C ASN F 137 -32.75 -7.11 -14.90
N ASN F 138 -31.43 -7.14 -15.07
CA ASN F 138 -30.69 -8.31 -15.59
C ASN F 138 -31.11 -8.76 -16.97
N PHE F 139 -30.94 -7.89 -17.96
CA PHE F 139 -31.39 -8.20 -19.33
C PHE F 139 -30.24 -8.13 -20.33
N TYR F 140 -30.46 -8.69 -21.52
CA TYR F 140 -29.51 -8.56 -22.63
C TYR F 140 -30.25 -8.68 -23.95
N PRO F 141 -29.93 -7.81 -24.93
CA PRO F 141 -28.94 -6.75 -24.92
C PRO F 141 -29.39 -5.43 -24.25
N ARG F 142 -28.46 -4.48 -24.23
CA ARG F 142 -28.62 -3.18 -23.57
C ARG F 142 -29.83 -2.40 -24.09
N GLU F 143 -30.14 -2.59 -25.36
CA GLU F 143 -31.22 -1.85 -26.02
C GLU F 143 -32.58 -2.25 -25.44
N ALA F 144 -33.26 -1.27 -24.85
CA ALA F 144 -34.58 -1.46 -24.27
C ALA F 144 -35.32 -0.13 -24.30
N LYS F 145 -36.62 -0.20 -24.53
CA LYS F 145 -37.46 0.99 -24.65
C LYS F 145 -38.41 1.06 -23.47
N VAL F 146 -38.45 2.22 -22.81
CA VAL F 146 -39.29 2.41 -21.63
C VAL F 146 -40.18 3.63 -21.81
N GLN F 147 -41.50 3.41 -21.73
CA GLN F 147 -42.49 4.47 -21.90
C GLN F 147 -43.25 4.72 -20.60
N TRP F 148 -43.36 5.99 -20.22
CA TRP F 148 -44.13 6.41 -19.05
C TRP F 148 -45.52 6.91 -19.45
N LYS F 149 -46.54 6.37 -18.79
CA LYS F 149 -47.91 6.74 -19.04
C LYS F 149 -48.59 7.17 -17.75
N VAL F 150 -49.22 8.34 -17.77
CA VAL F 150 -49.93 8.88 -16.62
C VAL F 150 -51.41 9.04 -16.99
N ASP F 151 -52.25 8.17 -16.42
CA ASP F 151 -53.64 8.01 -16.86
C ASP F 151 -53.71 7.81 -18.38
N ASN F 152 -52.78 7.00 -18.90
CA ASN F 152 -52.62 6.67 -20.33
C ASN F 152 -52.08 7.81 -21.23
N ALA F 153 -51.71 8.94 -20.64
CA ALA F 153 -51.03 10.02 -21.37
C ALA F 153 -49.52 9.76 -21.42
N LEU F 154 -48.98 9.65 -22.63
CA LEU F 154 -47.56 9.38 -22.87
C LEU F 154 -46.69 10.57 -22.43
N GLN F 155 -45.64 10.29 -21.67
CA GLN F 155 -44.74 11.35 -21.17
C GLN F 155 -43.60 11.64 -22.13
N SER F 156 -43.06 12.86 -22.01
CA SER F 156 -41.99 13.34 -22.89
C SER F 156 -41.10 14.34 -22.16
N GLY F 157 -39.80 14.13 -22.23
CA GLY F 157 -38.83 15.10 -21.70
C GLY F 157 -38.81 15.30 -20.19
N ASN F 158 -39.45 14.41 -19.44
CA ASN F 158 -39.42 14.43 -17.98
C ASN F 158 -39.03 13.07 -17.36
N SER F 159 -38.46 12.20 -18.19
CA SER F 159 -37.88 10.96 -17.71
C SER F 159 -36.38 11.00 -17.94
N GLN F 160 -35.66 10.05 -17.37
CA GLN F 160 -34.20 10.00 -17.47
C GLN F 160 -33.76 8.57 -17.17
N GLU F 161 -32.94 8.01 -18.06
CA GLU F 161 -32.49 6.62 -17.93
C GLU F 161 -31.05 6.55 -17.48
N SER F 162 -30.74 5.56 -16.64
CA SER F 162 -29.37 5.22 -16.33
C SER F 162 -29.19 3.72 -16.43
N VAL F 163 -28.05 3.29 -16.96
CA VAL F 163 -27.78 1.85 -17.19
C VAL F 163 -26.49 1.43 -16.53
N THR F 164 -26.50 0.28 -15.86
CA THR F 164 -25.29 -0.27 -15.26
C THR F 164 -24.33 -0.73 -16.36
N GLU F 165 -23.06 -0.86 -16.04
CA GLU F 165 -22.17 -1.56 -16.94
C GLU F 165 -22.38 -3.07 -16.81
N GLN F 166 -21.97 -3.78 -17.84
CA GLN F 166 -22.22 -5.21 -17.96
C GLN F 166 -21.80 -5.97 -16.67
N ASP F 167 -22.67 -6.83 -16.17
CA ASP F 167 -22.40 -7.61 -14.96
C ASP F 167 -21.21 -8.56 -15.19
N SER F 168 -20.29 -8.61 -14.23
CA SER F 168 -19.05 -9.34 -14.43
C SER F 168 -19.21 -10.87 -14.38
N LYS F 169 -20.33 -11.36 -13.86
CA LYS F 169 -20.60 -12.80 -13.81
C LYS F 169 -21.47 -13.29 -14.98
N ASP F 170 -22.58 -12.60 -15.24
CA ASP F 170 -23.59 -13.09 -16.20
C ASP F 170 -23.76 -12.19 -17.43
N SER F 171 -22.96 -11.12 -17.50
CA SER F 171 -22.92 -10.21 -18.65
C SER F 171 -24.23 -9.46 -18.96
N THR F 172 -25.14 -9.40 -17.98
CA THR F 172 -26.41 -8.69 -18.18
C THR F 172 -26.26 -7.22 -17.85
N TYR F 173 -27.27 -6.43 -18.24
CA TYR F 173 -27.38 -5.03 -17.86
C TYR F 173 -28.60 -4.84 -16.96
N SER F 174 -28.60 -3.73 -16.23
CA SER F 174 -29.80 -3.24 -15.56
C SER F 174 -30.03 -1.78 -15.95
N LEU F 175 -31.25 -1.31 -15.80
CA LEU F 175 -31.61 0.03 -16.23
C LEU F 175 -32.65 0.62 -15.27
N SER F 176 -32.48 1.89 -14.94
CA SER F 176 -33.47 2.66 -14.21
C SER F 176 -34.00 3.73 -15.11
N SER F 177 -35.32 3.94 -15.07
CA SER F 177 -35.94 5.10 -15.70
C SER F 177 -36.65 5.88 -14.61
N THR F 178 -36.21 7.10 -14.39
CA THR F 178 -36.80 7.93 -13.35
C THR F 178 -37.67 9.01 -13.99
N LEU F 179 -38.94 9.03 -13.61
CA LEU F 179 -39.87 10.08 -14.02
C LEU F 179 -39.94 11.12 -12.91
N THR F 180 -39.61 12.36 -13.24
CA THR F 180 -39.59 13.44 -12.25
C THR F 180 -40.75 14.41 -12.50
N LEU F 181 -41.63 14.57 -11.52
CA LEU F 181 -42.77 15.50 -11.59
C LEU F 181 -42.89 16.30 -10.30
N SER F 182 -43.46 17.49 -10.40
CA SER F 182 -43.71 18.31 -9.22
C SER F 182 -44.75 17.63 -8.32
N LYS F 183 -44.62 17.84 -7.02
CA LYS F 183 -45.64 17.44 -6.03
C LYS F 183 -47.07 17.69 -6.54
N ALA F 184 -47.29 18.89 -7.09
CA ALA F 184 -48.62 19.27 -7.61
C ALA F 184 -49.04 18.35 -8.75
N ASP F 185 -48.17 18.18 -9.76
CA ASP F 185 -48.48 17.36 -10.92
C ASP F 185 -48.72 15.90 -10.54
N TYR F 186 -48.02 15.43 -9.51
CA TYR F 186 -48.17 14.04 -9.06
C TYR F 186 -49.58 13.80 -8.49
N GLU F 187 -50.06 14.72 -7.66
CA GLU F 187 -51.40 14.61 -7.04
C GLU F 187 -52.56 14.82 -8.01
N LYS F 188 -52.29 15.37 -9.20
CA LYS F 188 -53.32 15.58 -10.21
C LYS F 188 -53.76 14.29 -10.93
N HIS F 189 -52.97 13.21 -10.79
CA HIS F 189 -53.23 11.98 -11.52
C HIS F 189 -53.19 10.72 -10.66
N LYS F 190 -53.87 9.67 -11.13
CA LYS F 190 -54.01 8.42 -10.37
C LYS F 190 -53.04 7.34 -10.84
N VAL F 191 -53.15 6.95 -12.11
CA VAL F 191 -52.48 5.78 -12.65
C VAL F 191 -51.09 6.11 -13.18
N TYR F 192 -50.07 5.48 -12.59
CA TYR F 192 -48.70 5.63 -13.06
C TYR F 192 -48.18 4.29 -13.55
N ALA F 193 -47.76 4.25 -14.80
CA ALA F 193 -47.33 3.02 -15.46
C ALA F 193 -46.05 3.23 -16.27
N CYS F 194 -45.17 2.24 -16.23
CA CYS F 194 -44.05 2.19 -17.18
C CYS F 194 -44.17 0.91 -18.01
N GLU F 195 -44.04 1.07 -19.33
CA GLU F 195 -44.16 -0.03 -20.28
C GLU F 195 -42.82 -0.36 -20.94
N VAL F 196 -42.38 -1.60 -20.77
CA VAL F 196 -41.06 -2.03 -21.21
C VAL F 196 -41.14 -2.88 -22.48
N THR F 197 -40.39 -2.47 -23.50
CA THR F 197 -40.23 -3.24 -24.73
C THR F 197 -38.77 -3.66 -24.83
N HIS F 198 -38.55 -4.96 -25.02
CA HIS F 198 -37.23 -5.53 -25.12
C HIS F 198 -37.26 -6.78 -25.99
N GLN F 199 -36.18 -7.00 -26.73
CA GLN F 199 -36.04 -8.16 -27.61
C GLN F 199 -36.44 -9.49 -26.98
N GLY F 200 -36.15 -9.68 -25.69
CA GLY F 200 -36.41 -10.93 -25.00
C GLY F 200 -37.83 -11.12 -24.48
N LEU F 201 -38.69 -10.14 -24.74
CA LEU F 201 -40.08 -10.19 -24.32
C LEU F 201 -40.95 -10.31 -25.56
N SER F 202 -41.90 -11.25 -25.54
CA SER F 202 -42.76 -11.49 -26.69
C SER F 202 -43.83 -10.40 -26.80
N SER F 203 -44.13 -9.71 -25.70
CA SER F 203 -44.93 -8.50 -25.72
C SER F 203 -44.51 -7.57 -24.58
N PRO F 204 -44.90 -6.28 -24.64
CA PRO F 204 -44.43 -5.34 -23.63
C PRO F 204 -44.98 -5.61 -22.22
N VAL F 205 -44.13 -5.43 -21.22
CA VAL F 205 -44.51 -5.56 -19.82
C VAL F 205 -44.87 -4.20 -19.29
N THR F 206 -46.03 -4.10 -18.66
CA THR F 206 -46.44 -2.89 -17.99
C THR F 206 -46.49 -3.16 -16.50
N LYS F 207 -45.78 -2.32 -15.73
CA LYS F 207 -45.89 -2.32 -14.29
C LYS F 207 -46.47 -0.98 -13.89
N SER F 208 -47.46 -1.02 -12.99
CA SER F 208 -48.21 0.18 -12.65
C SER F 208 -48.70 0.18 -11.21
N PHE F 209 -49.01 1.38 -10.72
CA PHE F 209 -49.68 1.55 -9.44
C PHE F 209 -50.64 2.73 -9.51
N ASN F 210 -51.65 2.70 -8.64
CA ASN F 210 -52.55 3.83 -8.44
C ASN F 210 -52.09 4.62 -7.22
N ARG F 211 -51.92 5.94 -7.37
CA ARG F 211 -51.54 6.79 -6.25
C ARG F 211 -52.58 6.71 -5.13
MN MN G . 18.78 11.77 17.80
MN MN H . 17.45 1.26 -22.13
S SO4 I . 13.40 -4.33 -47.80
O1 SO4 I . 12.82 -3.13 -48.42
O2 SO4 I . 12.32 -5.23 -47.39
O3 SO4 I . 14.27 -5.00 -48.75
O4 SO4 I . 14.18 -3.93 -46.64
S SO4 J . -36.68 -18.48 -0.09
O1 SO4 J . -37.89 -17.64 -0.21
O2 SO4 J . -37.03 -19.88 0.09
O3 SO4 J . -35.88 -18.37 -1.32
O4 SO4 J . -35.94 -18.04 1.11
S SO4 K . 12.10 11.41 7.12
O1 SO4 K . 12.34 12.62 7.91
O2 SO4 K . 11.08 10.59 7.76
O3 SO4 K . 11.64 11.72 5.76
O4 SO4 K . 13.37 10.69 7.05
S SO4 L . -5.90 4.67 14.50
O1 SO4 L . -7.31 4.54 14.13
O2 SO4 L . -5.34 3.33 14.69
O3 SO4 L . -5.18 5.36 13.43
O4 SO4 L . -5.79 5.44 15.73
S SO4 M . 14.05 -1.14 -10.45
O1 SO4 M . 13.95 -0.22 -9.31
O2 SO4 M . 12.74 -1.75 -10.65
O3 SO4 M . 14.46 -0.38 -11.63
O4 SO4 M . 15.05 -2.15 -10.15
S SO4 N . -5.07 -17.43 -17.94
O1 SO4 N . -5.75 -16.14 -17.80
O2 SO4 N . -6.02 -18.50 -17.60
O3 SO4 N . -4.59 -17.62 -19.31
O4 SO4 N . -3.94 -17.49 -17.01
#